data_7EZF
#
_entry.id   7EZF
#
_cell.length_a   67.076
_cell.length_b   143.329
_cell.length_c   73.491
_cell.angle_alpha   90.000
_cell.angle_beta   108.140
_cell.angle_gamma   90.000
#
_symmetry.space_group_name_H-M   'P 1 21 1'
#
loop_
_entity.id
_entity.type
_entity.pdbx_description
1 polymer 'Fructose-1,6-bisphosphatase 1'
2 non-polymer '7-chloranyl-5-ethyl-3-(3-hydroxy-3-oxopropyl)-1H-indole-2-carboxylic acid'
3 non-polymer 1,6-di-O-phosphono-beta-D-fructofuranose
4 water water
#
_entity_poly.entity_id   1
_entity_poly.type   'polypeptide(L)'
_entity_poly.pdbx_seq_one_letter_code
;MADQAPFDTDVNTLTRFVMEEGRKARGTGELTQLLNSLCTAVKAISSAVRKAGIAHLYGIAGSTNVTGDQVKKLDVLSND
LVMNMLKSSFATCVLVSEEDKHAIIVEPEKRGKYVVCFDPLDGSSNIDCLVSVGTIFGIYRKKSTDEPSEKDALQPGRNL
VAAGYALYGSATMLVLAMDCGVNCFMLDPAIGEFILVDKDVKIKKKGKIYSLNEGYARDFDPAVTEYIQRKKFPPDNSAP
YGARYVGSMVADVHRTLVYGGIFLYPANKKSPNGKLRLLYECNPMAYVMEKAGGMATTGKEAVLDVIPTDIHQRAPVILG
SPDDVLEFLKVYEKHSAQ
;
_entity_poly.pdbx_strand_id   A,B,C,D
#
# COMPACT_ATOMS: atom_id res chain seq x y z
N THR A 9 13.95 20.84 12.33
CA THR A 9 13.77 20.96 10.84
C THR A 9 12.32 20.62 10.49
N ASP A 10 11.75 21.30 9.50
CA ASP A 10 10.38 21.03 9.01
C ASP A 10 10.41 19.95 7.93
N VAL A 11 9.30 19.23 7.75
CA VAL A 11 9.18 18.12 6.78
C VAL A 11 9.43 18.67 5.36
N ASN A 12 10.14 17.92 4.53
CA ASN A 12 10.26 18.25 3.09
C ASN A 12 10.01 16.97 2.30
N THR A 13 9.50 17.13 1.08
CA THR A 13 9.28 16.06 0.10
C THR A 13 10.23 16.32 -1.07
N LEU A 14 10.47 15.31 -1.91
CA LEU A 14 11.31 15.46 -3.12
C LEU A 14 10.64 16.46 -4.06
N THR A 15 9.32 16.38 -4.19
CA THR A 15 8.54 17.22 -5.13
C THR A 15 8.61 18.67 -4.66
N ARG A 16 8.52 18.91 -3.36
CA ARG A 16 8.63 20.28 -2.76
C ARG A 16 10.04 20.84 -2.94
N PHE A 17 11.06 20.05 -2.65
CA PHE A 17 12.50 20.42 -2.79
C PHE A 17 12.75 20.88 -4.23
N VAL A 18 12.33 20.05 -5.19
CA VAL A 18 12.64 20.25 -6.64
C VAL A 18 11.89 21.48 -7.14
N MET A 19 10.67 21.73 -6.65
CA MET A 19 9.88 22.93 -7.03
C MET A 19 10.49 24.20 -6.39
N GLU A 20 10.99 24.14 -5.14
CA GLU A 20 11.68 25.27 -4.46
C GLU A 20 13.01 25.61 -5.16
N GLU A 21 13.85 24.60 -5.43
CA GLU A 21 15.16 24.78 -6.11
C GLU A 21 14.96 25.35 -7.53
N GLY A 22 13.87 24.97 -8.20
CA GLY A 22 13.57 25.42 -9.58
C GLY A 22 12.89 26.77 -9.61
N ARG A 23 12.26 27.18 -8.52
CA ARG A 23 11.67 28.53 -8.36
C ARG A 23 12.80 29.54 -8.17
N LYS A 24 13.88 29.14 -7.49
CA LYS A 24 15.08 29.99 -7.30
C LYS A 24 15.57 30.57 -8.65
N ALA A 25 15.64 29.75 -9.71
CA ALA A 25 15.89 30.22 -11.09
C ALA A 25 14.58 30.75 -11.67
N ARG A 26 14.59 31.75 -12.55
CA ARG A 26 13.32 32.17 -13.24
C ARG A 26 12.70 30.89 -13.81
N GLY A 27 13.52 30.08 -14.46
CA GLY A 27 13.16 28.70 -14.82
C GLY A 27 12.35 28.67 -16.08
N THR A 28 12.66 27.74 -16.98
CA THR A 28 11.74 27.30 -18.07
C THR A 28 10.68 26.40 -17.41
N GLY A 29 11.05 25.70 -16.33
CA GLY A 29 10.23 24.67 -15.65
C GLY A 29 10.54 23.25 -16.11
N GLU A 30 11.43 23.09 -17.12
CA GLU A 30 11.72 21.79 -17.79
C GLU A 30 12.44 20.83 -16.83
N LEU A 31 13.48 21.28 -16.12
CA LEU A 31 14.30 20.41 -15.21
C LEU A 31 13.45 19.96 -14.02
N THR A 32 12.52 20.81 -13.55
CA THR A 32 11.65 20.47 -12.39
C THR A 32 10.68 19.36 -12.84
N GLN A 33 10.14 19.45 -14.06
CA GLN A 33 9.20 18.42 -14.61
C GLN A 33 9.95 17.10 -14.84
N LEU A 34 11.13 17.18 -15.41
CA LEU A 34 12.01 16.02 -15.70
C LEU A 34 12.21 15.22 -14.42
N LEU A 35 12.56 15.90 -13.33
CA LEU A 35 12.92 15.27 -12.04
C LEU A 35 11.66 14.71 -11.41
N ASN A 36 10.54 15.41 -11.54
CA ASN A 36 9.23 14.94 -11.02
C ASN A 36 8.72 13.76 -11.86
N SER A 37 8.99 13.73 -13.17
CA SER A 37 8.65 12.60 -14.06
C SER A 37 9.49 11.37 -13.67
N LEU A 38 10.77 11.59 -13.36
CA LEU A 38 11.71 10.53 -12.93
C LEU A 38 11.28 10.01 -11.56
N CYS A 39 10.75 10.88 -10.70
CA CYS A 39 10.21 10.54 -9.35
C CYS A 39 9.01 9.58 -9.49
N THR A 40 8.04 9.95 -10.33
CA THR A 40 6.79 9.17 -10.60
C THR A 40 7.16 7.80 -11.17
N ALA A 41 8.11 7.77 -12.11
CA ALA A 41 8.61 6.54 -12.74
C ALA A 41 9.22 5.60 -11.69
N VAL A 42 10.04 6.13 -10.78
CA VAL A 42 10.79 5.36 -9.75
C VAL A 42 9.79 4.70 -8.79
N LYS A 43 8.71 5.38 -8.46
CA LYS A 43 7.64 4.84 -7.57
C LYS A 43 6.92 3.69 -8.28
N ALA A 44 6.74 3.83 -9.58
CA ALA A 44 6.11 2.80 -10.43
C ALA A 44 7.02 1.56 -10.49
N ILE A 45 8.30 1.76 -10.77
CA ILE A 45 9.32 0.68 -10.75
C ILE A 45 9.32 0.02 -9.37
N SER A 46 9.31 0.81 -8.29
CA SER A 46 9.36 0.31 -6.89
C SER A 46 8.20 -0.66 -6.63
N SER A 47 6.96 -0.26 -6.96
CA SER A 47 5.74 -1.11 -6.82
C SER A 47 5.95 -2.44 -7.55
N ALA A 48 6.38 -2.39 -8.82
CA ALA A 48 6.52 -3.57 -9.70
C ALA A 48 7.69 -4.47 -9.26
N VAL A 49 8.74 -3.90 -8.66
CA VAL A 49 9.92 -4.65 -8.12
C VAL A 49 9.51 -5.31 -6.80
N ARG A 50 8.64 -4.68 -5.99
CA ARG A 50 8.08 -5.30 -4.74
C ARG A 50 6.97 -6.33 -5.06
N LYS A 51 6.65 -6.52 -6.35
CA LYS A 51 5.81 -7.62 -6.90
C LYS A 51 4.33 -7.39 -6.54
N ALA A 52 3.87 -6.15 -6.66
CA ALA A 52 2.44 -5.82 -6.46
C ALA A 52 1.66 -6.31 -7.67
N GLY A 53 0.61 -7.10 -7.47
CA GLY A 53 -0.19 -7.68 -8.58
C GLY A 53 0.25 -9.07 -9.02
N ILE A 54 1.31 -9.62 -8.43
CA ILE A 54 1.86 -10.95 -8.84
C ILE A 54 0.75 -12.01 -8.69
N ALA A 55 -0.20 -11.83 -7.77
CA ALA A 55 -1.31 -12.78 -7.56
C ALA A 55 -2.13 -12.92 -8.84
N HIS A 56 -2.26 -11.84 -9.62
CA HIS A 56 -2.99 -11.87 -10.93
C HIS A 56 -2.33 -12.86 -11.89
N LEU A 57 -0.99 -12.94 -11.88
CA LEU A 57 -0.22 -13.87 -12.76
C LEU A 57 -0.29 -15.30 -12.25
N TYR A 58 -0.84 -15.55 -11.07
CA TYR A 58 -0.82 -16.89 -10.43
C TYR A 58 -2.23 -17.35 -10.07
N GLY A 59 -3.28 -16.66 -10.54
CA GLY A 59 -4.66 -17.21 -10.53
C GLY A 59 -5.66 -16.47 -9.66
N ILE A 60 -5.40 -15.23 -9.23
CA ILE A 60 -6.35 -14.57 -8.31
C ILE A 60 -7.72 -14.34 -9.00
N ALA A 61 -7.78 -13.87 -10.26
CA ALA A 61 -9.07 -13.73 -10.98
C ALA A 61 -9.25 -14.86 -12.03
N GLY A 62 -8.40 -15.88 -11.99
CA GLY A 62 -8.43 -17.08 -12.86
C GLY A 62 -8.55 -16.77 -14.36
N SER A 63 -7.96 -15.66 -14.84
CA SER A 63 -8.12 -15.19 -16.24
C SER A 63 -7.04 -15.81 -17.14
N LYS A 73 10.97 -9.23 -17.76
CA LYS A 73 10.02 -8.10 -17.97
C LYS A 73 10.38 -6.90 -17.08
N LEU A 74 10.87 -7.13 -15.85
CA LEU A 74 11.03 -6.03 -14.84
C LEU A 74 12.03 -4.99 -15.35
N ASP A 75 13.12 -5.42 -15.98
CA ASP A 75 14.13 -4.54 -16.61
C ASP A 75 13.52 -3.82 -17.83
N VAL A 76 12.72 -4.49 -18.64
CA VAL A 76 12.11 -3.89 -19.88
C VAL A 76 11.06 -2.88 -19.45
N LEU A 77 10.22 -3.23 -18.47
CA LEU A 77 9.12 -2.38 -17.94
C LEU A 77 9.71 -1.13 -17.27
N SER A 78 10.80 -1.30 -16.54
CA SER A 78 11.55 -0.16 -15.95
C SER A 78 11.96 0.82 -17.06
N ASN A 79 12.46 0.32 -18.18
CA ASN A 79 12.95 1.15 -19.31
C ASN A 79 11.77 1.89 -19.93
N ASP A 80 10.68 1.16 -20.17
CA ASP A 80 9.45 1.70 -20.80
C ASP A 80 8.90 2.83 -19.92
N LEU A 81 8.92 2.67 -18.60
CA LEU A 81 8.34 3.67 -17.67
C LEU A 81 9.19 4.96 -17.72
N VAL A 82 10.50 4.84 -17.54
CA VAL A 82 11.42 6.01 -17.53
C VAL A 82 11.39 6.68 -18.91
N MET A 83 11.41 5.90 -19.99
CA MET A 83 11.36 6.44 -21.38
C MET A 83 10.07 7.25 -21.57
N ASN A 84 8.93 6.67 -21.24
CA ASN A 84 7.60 7.30 -21.46
C ASN A 84 7.50 8.53 -20.55
N MET A 85 7.88 8.41 -19.28
CA MET A 85 7.72 9.50 -18.27
C MET A 85 8.61 10.70 -18.65
N LEU A 86 9.82 10.46 -19.16
CA LEU A 86 10.78 11.50 -19.60
C LEU A 86 10.41 12.06 -20.98
N LYS A 87 9.84 11.26 -21.87
CA LYS A 87 9.32 11.75 -23.16
C LYS A 87 8.18 12.74 -22.89
N SER A 88 7.22 12.37 -22.02
CA SER A 88 6.02 13.20 -21.71
C SER A 88 6.32 14.29 -20.68
N SER A 89 7.59 14.52 -20.35
CA SER A 89 8.03 15.65 -19.49
C SER A 89 8.17 16.92 -20.34
N PHE A 90 8.27 16.77 -21.67
CA PHE A 90 8.46 17.86 -22.66
C PHE A 90 9.76 18.62 -22.31
N ALA A 91 10.80 17.89 -21.87
CA ALA A 91 12.06 18.44 -21.30
C ALA A 91 13.30 17.71 -21.80
N THR A 92 13.11 16.60 -22.51
CA THR A 92 14.21 15.71 -22.97
C THR A 92 14.31 15.85 -24.48
N CYS A 93 15.51 15.69 -25.02
CA CYS A 93 15.76 15.73 -26.48
C CYS A 93 16.47 14.42 -26.88
N VAL A 94 17.40 13.96 -26.05
CA VAL A 94 18.18 12.72 -26.32
C VAL A 94 18.11 11.87 -25.07
N LEU A 95 17.78 10.59 -25.25
CA LEU A 95 17.68 9.62 -24.13
C LEU A 95 18.60 8.43 -24.44
N VAL A 96 19.60 8.20 -23.61
CA VAL A 96 20.51 7.03 -23.72
C VAL A 96 20.17 6.08 -22.56
N SER A 97 20.09 4.79 -22.83
CA SER A 97 19.74 3.76 -21.82
C SER A 97 20.59 2.53 -22.08
N GLU A 98 20.92 1.79 -21.02
CA GLU A 98 21.60 0.48 -21.14
C GLU A 98 20.78 -0.37 -22.11
N GLU A 99 19.46 -0.32 -21.99
CA GLU A 99 18.52 -1.22 -22.70
C GLU A 99 18.61 -0.99 -24.20
N ASP A 100 18.72 0.25 -24.67
CA ASP A 100 18.64 0.56 -26.13
C ASP A 100 20.06 0.80 -26.68
N LYS A 101 20.40 0.15 -27.78
CA LYS A 101 21.78 0.20 -28.35
C LYS A 101 22.05 1.60 -28.88
N HIS A 102 21.08 2.18 -29.60
CA HIS A 102 21.17 3.55 -30.13
C HIS A 102 20.45 4.49 -29.18
N ALA A 103 20.92 5.73 -29.07
CA ALA A 103 20.22 6.80 -28.32
C ALA A 103 18.81 6.97 -28.89
N ILE A 104 17.88 7.47 -28.08
CA ILE A 104 16.49 7.78 -28.52
C ILE A 104 16.38 9.30 -28.76
N ILE A 105 16.01 9.70 -29.97
CA ILE A 105 15.76 11.13 -30.29
C ILE A 105 14.27 11.37 -30.10
N VAL A 106 13.91 12.25 -29.16
CA VAL A 106 12.50 12.46 -28.74
C VAL A 106 11.76 13.16 -29.89
N GLU A 107 10.47 12.90 -30.02
CA GLU A 107 9.58 13.50 -31.05
C GLU A 107 9.55 15.01 -30.88
N PRO A 108 9.74 15.79 -31.97
CA PRO A 108 9.72 17.24 -31.92
C PRO A 108 8.75 17.93 -30.96
N GLU A 109 7.52 17.44 -30.86
CA GLU A 109 6.45 18.10 -30.05
C GLU A 109 6.78 17.97 -28.57
N LYS A 110 7.45 16.89 -28.15
CA LYS A 110 7.75 16.62 -26.72
C LYS A 110 9.21 16.93 -26.40
N ARG A 111 9.90 17.71 -27.24
CA ARG A 111 11.36 17.93 -27.11
C ARG A 111 11.68 19.12 -26.20
N GLY A 112 12.73 18.97 -25.41
CA GLY A 112 13.24 20.01 -24.51
C GLY A 112 14.75 20.09 -24.61
N LYS A 113 15.42 20.64 -23.59
CA LYS A 113 16.85 20.98 -23.71
C LYS A 113 17.74 19.94 -23.01
N TYR A 114 17.19 18.87 -22.47
CA TYR A 114 17.97 17.99 -21.56
C TYR A 114 18.25 16.65 -22.22
N VAL A 115 19.46 16.13 -21.96
CA VAL A 115 19.92 14.79 -22.44
C VAL A 115 20.02 13.91 -21.21
N VAL A 116 19.22 12.86 -21.12
CA VAL A 116 19.22 11.97 -19.92
C VAL A 116 19.84 10.63 -20.30
N CYS A 117 20.81 10.19 -19.51
CA CYS A 117 21.50 8.90 -19.64
C CYS A 117 21.17 8.07 -18.39
N PHE A 118 20.47 6.95 -18.52
CA PHE A 118 20.03 6.18 -17.34
C PHE A 118 20.25 4.67 -17.50
N ASP A 119 20.45 3.99 -16.35
CA ASP A 119 20.39 2.50 -16.22
C ASP A 119 19.08 2.18 -15.51
N PRO A 120 18.05 1.68 -16.22
CA PRO A 120 16.70 1.59 -15.66
C PRO A 120 16.57 0.62 -14.47
N LEU A 121 17.27 -0.52 -14.50
CA LEU A 121 17.26 -1.48 -13.37
C LEU A 121 18.62 -2.15 -13.27
N ASP A 122 19.59 -1.45 -12.68
CA ASP A 122 20.97 -1.94 -12.50
C ASP A 122 20.97 -3.05 -11.45
N GLY A 123 21.58 -4.20 -11.80
CA GLY A 123 21.69 -5.40 -10.93
C GLY A 123 20.68 -6.46 -11.29
N SER A 124 19.76 -6.15 -12.21
CA SER A 124 18.56 -6.98 -12.56
C SER A 124 19.00 -8.30 -13.23
N SER A 125 20.30 -8.46 -13.52
CA SER A 125 20.89 -9.75 -13.97
C SER A 125 20.69 -10.80 -12.88
N ASN A 126 20.69 -10.38 -11.61
CA ASN A 126 20.55 -11.31 -10.44
C ASN A 126 19.25 -11.04 -9.66
N ILE A 127 18.21 -10.46 -10.28
CA ILE A 127 16.97 -10.06 -9.56
C ILE A 127 16.15 -11.29 -9.19
N ASP A 128 16.50 -12.45 -9.74
CA ASP A 128 15.86 -13.74 -9.39
C ASP A 128 16.24 -14.15 -7.97
N CYS A 129 17.37 -13.70 -7.42
CA CYS A 129 17.75 -13.96 -6.00
C CYS A 129 17.28 -12.81 -5.09
N LEU A 130 16.48 -11.87 -5.61
CA LEU A 130 15.92 -10.71 -4.87
C LEU A 130 17.06 -9.82 -4.33
N VAL A 131 18.11 -9.67 -5.14
CA VAL A 131 19.23 -8.74 -4.88
C VAL A 131 18.72 -7.31 -4.98
N SER A 132 19.33 -6.39 -4.21
CA SER A 132 19.03 -4.94 -4.27
C SER A 132 19.27 -4.48 -5.71
N VAL A 133 18.35 -3.67 -6.25
CA VAL A 133 18.42 -3.17 -7.66
C VAL A 133 18.28 -1.66 -7.64
N GLY A 134 18.45 -1.00 -8.77
CA GLY A 134 18.38 0.46 -8.75
C GLY A 134 18.20 1.06 -10.11
N THR A 135 17.84 2.34 -10.11
CA THR A 135 17.73 3.17 -11.32
C THR A 135 18.80 4.25 -11.16
N ILE A 136 19.79 4.28 -12.05
CA ILE A 136 20.86 5.32 -12.03
C ILE A 136 20.56 6.32 -13.14
N PHE A 137 20.68 7.62 -12.86
CA PHE A 137 20.30 8.67 -13.83
C PHE A 137 21.36 9.78 -13.81
N GLY A 138 21.59 10.37 -14.97
CA GLY A 138 22.46 11.54 -15.15
C GLY A 138 21.89 12.47 -16.19
N ILE A 139 21.63 13.72 -15.82
CA ILE A 139 20.96 14.72 -16.69
C ILE A 139 22.00 15.74 -17.16
N TYR A 140 22.13 15.88 -18.48
CA TYR A 140 22.94 16.91 -19.16
C TYR A 140 22.03 17.87 -19.93
N ARG A 141 22.57 19.05 -20.24
CA ARG A 141 21.90 20.06 -21.09
C ARG A 141 22.45 19.93 -22.50
N LYS A 142 21.59 19.91 -23.52
CA LYS A 142 22.04 19.98 -24.94
C LYS A 142 22.92 21.23 -25.09
N LYS A 143 24.20 21.05 -25.42
CA LYS A 143 25.17 22.15 -25.56
C LYS A 143 25.38 22.47 -27.05
N SER A 144 24.81 21.67 -27.96
CA SER A 144 24.98 21.81 -29.43
C SER A 144 23.84 22.65 -30.00
N THR A 145 24.07 23.19 -31.20
CA THR A 145 23.08 23.96 -31.99
C THR A 145 22.51 23.04 -33.08
N ASP A 146 23.11 21.87 -33.27
CA ASP A 146 22.76 20.91 -34.35
C ASP A 146 21.40 20.28 -34.05
N GLU A 147 20.93 19.41 -34.94
CA GLU A 147 19.72 18.55 -34.71
C GLU A 147 20.08 17.57 -33.59
N PRO A 148 19.18 17.37 -32.59
CA PRO A 148 19.42 16.40 -31.52
C PRO A 148 20.03 15.09 -32.02
N SER A 149 21.11 14.62 -31.39
CA SER A 149 21.86 13.42 -31.85
C SER A 149 22.51 12.71 -30.67
N GLU A 150 22.88 11.44 -30.88
CA GLU A 150 23.69 10.61 -29.97
C GLU A 150 24.86 11.42 -29.42
N LYS A 151 25.42 12.32 -30.25
CA LYS A 151 26.68 13.04 -29.94
C LYS A 151 26.45 13.99 -28.76
N ASP A 152 25.20 14.34 -28.47
CA ASP A 152 24.83 15.27 -27.38
C ASP A 152 24.96 14.56 -26.02
N ALA A 153 25.05 13.23 -26.02
CA ALA A 153 25.27 12.42 -24.80
C ALA A 153 26.77 12.22 -24.53
N LEU A 154 27.65 12.59 -25.48
CA LEU A 154 29.11 12.32 -25.37
C LEU A 154 29.78 13.47 -24.59
N GLN A 155 29.06 14.02 -23.62
CA GLN A 155 29.52 15.11 -22.76
C GLN A 155 30.26 14.50 -21.59
N PRO A 156 31.33 15.14 -21.07
CA PRO A 156 32.00 14.67 -19.87
C PRO A 156 31.16 14.87 -18.59
N GLY A 157 31.39 14.01 -17.59
CA GLY A 157 30.65 14.03 -16.31
C GLY A 157 30.78 15.36 -15.58
N ARG A 158 31.83 16.15 -15.84
CA ARG A 158 31.99 17.53 -15.28
C ARG A 158 30.84 18.43 -15.76
N ASN A 159 30.17 18.08 -16.87
CA ASN A 159 29.07 18.91 -17.45
C ASN A 159 27.70 18.45 -16.97
N LEU A 160 27.65 17.50 -16.02
CA LEU A 160 26.37 17.02 -15.42
C LEU A 160 25.66 18.17 -14.71
N VAL A 161 24.38 18.37 -15.02
CA VAL A 161 23.55 19.40 -14.35
C VAL A 161 23.03 18.79 -13.04
N ALA A 162 22.55 17.56 -13.12
CA ALA A 162 22.02 16.80 -11.98
C ALA A 162 22.22 15.32 -12.24
N ALA A 163 22.44 14.55 -11.17
CA ALA A 163 22.62 13.09 -11.26
C ALA A 163 22.00 12.44 -10.03
N GLY A 164 22.01 11.11 -9.98
CA GLY A 164 21.59 10.39 -8.77
C GLY A 164 21.23 8.94 -9.04
N TYR A 165 20.57 8.33 -8.08
CA TYR A 165 20.14 6.91 -8.18
C TYR A 165 18.89 6.70 -7.33
N ALA A 166 18.19 5.60 -7.64
CA ALA A 166 17.08 5.08 -6.84
C ALA A 166 17.47 3.67 -6.41
N LEU A 167 17.61 3.42 -5.11
CA LEU A 167 17.88 2.05 -4.59
C LEU A 167 16.54 1.40 -4.20
N TYR A 168 16.23 0.24 -4.80
CA TYR A 168 15.12 -0.64 -4.36
C TYR A 168 15.76 -1.76 -3.54
N GLY A 169 15.99 -1.51 -2.25
CA GLY A 169 16.55 -2.50 -1.32
C GLY A 169 15.56 -2.80 -0.20
N SER A 170 16.03 -2.85 1.04
CA SER A 170 15.16 -3.08 2.21
C SER A 170 14.04 -2.02 2.19
N ALA A 171 14.39 -0.81 1.78
CA ALA A 171 13.42 0.26 1.50
C ALA A 171 13.84 0.95 0.20
N THR A 172 12.98 1.77 -0.39
CA THR A 172 13.29 2.51 -1.63
C THR A 172 13.78 3.89 -1.20
N MET A 173 14.95 4.32 -1.71
CA MET A 173 15.49 5.70 -1.54
C MET A 173 15.89 6.26 -2.90
N LEU A 174 15.56 7.53 -3.15
CA LEU A 174 16.18 8.31 -4.24
C LEU A 174 17.24 9.22 -3.61
N VAL A 175 18.46 9.12 -4.12
CA VAL A 175 19.56 10.04 -3.74
C VAL A 175 19.74 11.00 -4.93
N LEU A 176 19.47 12.30 -4.73
CA LEU A 176 19.57 13.34 -5.79
C LEU A 176 20.80 14.19 -5.51
N ALA A 177 21.69 14.32 -6.49
CA ALA A 177 22.90 15.19 -6.43
C ALA A 177 22.74 16.34 -7.44
N MET A 178 22.96 17.56 -6.97
CA MET A 178 23.03 18.82 -7.76
C MET A 178 24.14 19.71 -7.19
N ASP A 179 24.26 20.95 -7.70
CA ASP A 179 25.19 21.96 -7.13
C ASP A 179 24.93 22.16 -5.63
N CYS A 180 23.68 22.17 -5.19
CA CYS A 180 23.30 22.35 -3.76
C CYS A 180 23.81 21.18 -2.91
N GLY A 181 24.29 20.09 -3.52
CA GLY A 181 24.84 18.94 -2.79
C GLY A 181 23.95 17.72 -2.92
N VAL A 182 24.19 16.71 -2.08
CA VAL A 182 23.48 15.39 -2.15
C VAL A 182 22.39 15.38 -1.07
N ASN A 183 21.17 14.99 -1.45
CA ASN A 183 20.01 14.90 -0.53
C ASN A 183 19.34 13.53 -0.72
N CYS A 184 19.13 12.79 0.38
CA CYS A 184 18.60 11.41 0.37
C CYS A 184 17.13 11.42 0.80
N PHE A 185 16.24 10.81 0.00
CA PHE A 185 14.77 10.83 0.23
C PHE A 185 14.21 9.41 0.29
N MET A 186 13.57 9.03 1.40
CA MET A 186 12.98 7.68 1.56
C MET A 186 11.55 7.68 1.04
N LEU A 187 11.19 6.68 0.22
CA LEU A 187 9.79 6.50 -0.24
C LEU A 187 9.00 5.85 0.89
N ASP A 188 8.02 6.60 1.42
CA ASP A 188 6.98 6.12 2.35
C ASP A 188 5.87 5.54 1.49
N PRO A 189 5.84 4.20 1.34
CA PRO A 189 4.92 3.58 0.40
C PRO A 189 3.47 3.75 0.87
N ALA A 190 3.23 4.15 2.12
CA ALA A 190 1.87 4.35 2.69
C ALA A 190 1.20 5.55 2.01
N ILE A 191 1.97 6.55 1.62
CA ILE A 191 1.42 7.83 1.06
C ILE A 191 1.95 8.08 -0.36
N GLY A 192 2.91 7.26 -0.79
CA GLY A 192 3.52 7.41 -2.12
C GLY A 192 4.30 8.69 -2.21
N GLU A 193 5.16 8.96 -1.23
CA GLU A 193 5.89 10.24 -1.15
C GLU A 193 7.33 9.96 -0.73
N PHE A 194 8.27 10.61 -1.40
CA PHE A 194 9.70 10.59 -1.03
C PHE A 194 9.95 11.65 0.05
N ILE A 195 10.30 11.22 1.26
CA ILE A 195 10.50 12.07 2.45
C ILE A 195 11.99 12.32 2.58
N LEU A 196 12.40 13.57 2.68
CA LEU A 196 13.82 13.96 2.88
C LEU A 196 14.22 13.50 4.28
N VAL A 197 15.16 12.56 4.37
CA VAL A 197 15.59 11.93 5.66
C VAL A 197 17.04 12.32 5.98
N ASP A 198 17.81 12.80 4.99
CA ASP A 198 19.26 13.13 5.13
C ASP A 198 19.62 14.31 4.21
N LYS A 199 19.96 15.47 4.79
CA LYS A 199 20.16 16.73 4.00
C LYS A 199 21.65 17.00 3.81
N ASP A 200 22.04 17.57 2.67
CA ASP A 200 23.43 17.98 2.32
C ASP A 200 24.42 16.91 2.83
N VAL A 201 24.28 15.68 2.35
CA VAL A 201 25.04 14.53 2.91
C VAL A 201 26.49 14.70 2.47
N LYS A 202 27.42 14.37 3.37
CA LYS A 202 28.87 14.35 3.09
C LYS A 202 29.43 13.00 3.57
N ILE A 203 30.36 12.42 2.82
CA ILE A 203 30.88 11.06 3.11
C ILE A 203 31.99 11.16 4.16
N LYS A 204 32.18 10.13 4.99
CA LYS A 204 33.34 10.00 5.91
C LYS A 204 34.66 10.21 5.14
N LYS A 205 35.69 10.71 5.83
CA LYS A 205 37.04 10.94 5.26
C LYS A 205 37.69 9.60 4.91
N LYS A 206 37.58 8.62 5.81
CA LYS A 206 38.12 7.25 5.65
C LYS A 206 37.14 6.26 6.30
N GLY A 207 36.91 5.13 5.64
CA GLY A 207 35.98 4.09 6.11
C GLY A 207 36.72 2.85 6.57
N LYS A 208 36.00 1.73 6.61
CA LYS A 208 36.54 0.43 7.09
C LYS A 208 35.94 -0.72 6.28
N ILE A 209 35.53 -0.46 5.04
CA ILE A 209 34.93 -1.50 4.14
C ILE A 209 35.53 -1.30 2.74
N TYR A 210 35.93 -2.40 2.10
CA TYR A 210 36.41 -2.40 0.70
C TYR A 210 35.41 -3.24 -0.10
N SER A 211 35.11 -2.83 -1.34
CA SER A 211 34.04 -3.46 -2.16
C SER A 211 34.53 -3.75 -3.58
N LEU A 212 34.70 -5.03 -3.91
CA LEU A 212 35.13 -5.48 -5.27
C LEU A 212 34.92 -7.00 -5.38
N ASN A 213 34.67 -7.49 -6.60
CA ASN A 213 34.62 -8.95 -6.91
C ASN A 213 36.06 -9.47 -6.91
N GLU A 214 36.45 -10.21 -5.87
CA GLU A 214 37.84 -10.73 -5.73
C GLU A 214 38.01 -12.03 -6.51
N GLY A 215 36.98 -12.53 -7.19
CA GLY A 215 37.10 -13.73 -8.05
C GLY A 215 37.92 -13.44 -9.30
N TYR A 216 38.31 -12.18 -9.52
CA TYR A 216 39.13 -11.74 -10.66
C TYR A 216 40.59 -11.52 -10.24
N ALA A 217 40.97 -11.92 -9.02
CA ALA A 217 42.31 -11.67 -8.43
C ALA A 217 43.44 -12.02 -9.42
N ARG A 218 43.26 -13.06 -10.24
CA ARG A 218 44.26 -13.57 -11.21
C ARG A 218 44.51 -12.55 -12.32
N ASP A 219 43.45 -11.85 -12.78
CA ASP A 219 43.53 -10.87 -13.89
C ASP A 219 43.64 -9.45 -13.32
N PHE A 220 43.89 -9.32 -12.02
CA PHE A 220 43.93 -8.00 -11.34
C PHE A 220 45.24 -7.27 -11.63
N ASP A 221 45.14 -5.95 -11.80
CA ASP A 221 46.32 -5.06 -11.95
C ASP A 221 47.14 -5.10 -10.67
N PRO A 222 48.48 -5.08 -10.77
CA PRO A 222 49.36 -5.11 -9.59
C PRO A 222 48.94 -4.18 -8.44
N ALA A 223 48.47 -2.96 -8.72
CA ALA A 223 48.19 -1.93 -7.68
C ALA A 223 46.96 -2.32 -6.85
N VAL A 224 45.92 -2.86 -7.48
CA VAL A 224 44.70 -3.36 -6.79
C VAL A 224 45.13 -4.49 -5.85
N THR A 225 45.96 -5.42 -6.35
CA THR A 225 46.51 -6.54 -5.56
C THR A 225 47.14 -6.04 -4.25
N GLU A 226 47.92 -4.94 -4.30
CA GLU A 226 48.60 -4.39 -3.09
C GLU A 226 47.58 -3.71 -2.19
N TYR A 227 46.70 -2.89 -2.77
CA TYR A 227 45.66 -2.14 -2.00
C TYR A 227 44.82 -3.13 -1.19
N ILE A 228 44.50 -4.30 -1.75
CA ILE A 228 43.60 -5.28 -1.09
C ILE A 228 44.40 -6.01 -0.02
N GLN A 229 45.68 -6.26 -0.30
CA GLN A 229 46.60 -6.93 0.66
C GLN A 229 46.90 -5.97 1.80
N ARG A 230 46.86 -4.66 1.57
CA ARG A 230 46.99 -3.61 2.65
C ARG A 230 45.69 -3.42 3.43
N LYS A 231 44.57 -3.97 2.96
CA LYS A 231 43.27 -3.86 3.68
C LYS A 231 43.05 -5.14 4.48
N LYS A 232 43.49 -6.27 3.94
CA LYS A 232 43.40 -7.58 4.59
C LYS A 232 44.48 -7.69 5.65
N PHE A 233 45.69 -7.21 5.31
CA PHE A 233 46.93 -7.30 6.13
C PHE A 233 47.48 -5.90 6.36
N PRO A 234 46.84 -5.07 7.22
CA PRO A 234 47.17 -3.65 7.33
C PRO A 234 48.63 -3.38 7.73
N PRO A 235 49.27 -2.39 7.06
CA PRO A 235 50.66 -2.05 7.36
C PRO A 235 50.81 -1.19 8.64
N ASP A 236 49.74 -0.52 9.08
CA ASP A 236 49.78 0.39 10.26
C ASP A 236 49.40 -0.40 11.51
N ASN A 237 49.58 -1.72 11.51
CA ASN A 237 49.21 -2.59 12.67
C ASN A 237 47.86 -2.14 13.23
N SER A 238 46.93 -1.78 12.33
CA SER A 238 45.53 -1.40 12.65
C SER A 238 44.59 -2.55 12.25
N ALA A 239 43.29 -2.36 12.44
CA ALA A 239 42.25 -3.40 12.23
C ALA A 239 42.05 -3.62 10.73
N PRO A 240 42.14 -4.87 10.23
CA PRO A 240 41.84 -5.16 8.84
C PRO A 240 40.44 -4.64 8.50
N TYR A 241 40.27 -4.16 7.28
CA TYR A 241 38.98 -3.66 6.73
C TYR A 241 38.03 -4.85 6.59
N GLY A 242 36.73 -4.54 6.56
CA GLY A 242 35.68 -5.52 6.22
C GLY A 242 35.41 -5.52 4.73
N ALA A 243 34.92 -6.64 4.19
CA ALA A 243 34.54 -6.80 2.77
C ALA A 243 33.01 -6.93 2.64
N ARG A 244 32.41 -6.07 1.83
CA ARG A 244 30.99 -6.13 1.40
C ARG A 244 30.98 -5.98 -0.13
N TYR A 245 30.24 -6.86 -0.81
CA TYR A 245 30.01 -6.82 -2.28
C TYR A 245 28.72 -7.54 -2.63
N VAL A 246 27.70 -6.75 -2.98
CA VAL A 246 26.31 -7.23 -3.29
C VAL A 246 26.25 -7.64 -4.74
N GLY A 247 27.09 -7.07 -5.61
CA GLY A 247 27.05 -7.32 -7.07
C GLY A 247 26.04 -6.43 -7.78
N SER A 248 25.49 -5.46 -7.06
CA SER A 248 24.68 -4.37 -7.62
C SER A 248 25.33 -3.06 -7.18
N MET A 249 25.64 -2.20 -8.14
CA MET A 249 26.47 -0.98 -7.91
C MET A 249 25.69 -0.04 -7.01
N VAL A 250 24.37 0.06 -7.22
CA VAL A 250 23.51 1.06 -6.51
C VAL A 250 23.58 0.73 -5.01
N ALA A 251 23.50 -0.55 -4.68
CA ALA A 251 23.59 -1.05 -3.28
C ALA A 251 24.98 -0.77 -2.66
N ASP A 252 26.05 -1.11 -3.38
CA ASP A 252 27.45 -1.00 -2.89
C ASP A 252 27.88 0.47 -2.74
N VAL A 253 27.51 1.33 -3.70
CA VAL A 253 27.89 2.76 -3.67
C VAL A 253 27.08 3.45 -2.56
N HIS A 254 25.81 3.06 -2.39
CA HIS A 254 24.94 3.63 -1.34
C HIS A 254 25.50 3.22 0.03
N ARG A 255 25.95 1.98 0.20
CA ARG A 255 26.65 1.59 1.46
C ARG A 255 27.92 2.43 1.58
N THR A 256 28.70 2.56 0.50
CA THR A 256 29.97 3.33 0.50
C THR A 256 29.68 4.77 0.99
N LEU A 257 28.53 5.33 0.64
CA LEU A 257 28.19 6.74 0.96
C LEU A 257 27.75 6.84 2.42
N VAL A 258 27.08 5.82 2.96
CA VAL A 258 26.39 5.90 4.28
C VAL A 258 27.40 5.51 5.36
N TYR A 259 28.18 4.46 5.13
CA TYR A 259 29.13 3.87 6.11
C TYR A 259 30.58 4.25 5.74
N GLY A 260 30.80 4.78 4.55
CA GLY A 260 32.16 5.14 4.10
C GLY A 260 32.87 3.90 3.55
N GLY A 261 34.12 4.09 3.09
CA GLY A 261 34.97 3.03 2.54
C GLY A 261 35.22 3.26 1.07
N ILE A 262 35.38 2.17 0.31
CA ILE A 262 35.80 2.27 -1.12
C ILE A 262 35.02 1.24 -1.91
N PHE A 263 34.58 1.62 -3.11
CA PHE A 263 34.04 0.67 -4.12
C PHE A 263 34.99 0.65 -5.29
N LEU A 264 35.36 -0.54 -5.74
CA LEU A 264 36.28 -0.72 -6.88
C LEU A 264 35.62 -1.68 -7.88
N TYR A 265 35.48 -1.26 -9.13
CA TYR A 265 35.35 -2.18 -10.29
C TYR A 265 36.48 -1.83 -11.25
N PRO A 266 37.69 -2.37 -11.00
CA PRO A 266 38.85 -2.06 -11.82
C PRO A 266 38.92 -2.94 -13.06
N ALA A 267 39.98 -2.77 -13.85
CA ALA A 267 40.24 -3.50 -15.11
C ALA A 267 40.63 -4.96 -14.80
N ASN A 268 40.32 -5.89 -15.73
CA ASN A 268 40.75 -7.31 -15.70
C ASN A 268 41.08 -7.75 -17.13
N LYS A 269 40.79 -9.01 -17.49
CA LYS A 269 41.09 -9.57 -18.84
C LYS A 269 39.83 -9.52 -19.70
N LYS A 270 38.71 -10.02 -19.14
CA LYS A 270 37.36 -9.95 -19.75
C LYS A 270 36.94 -8.48 -19.86
N SER A 271 37.41 -7.63 -18.95
CA SER A 271 37.09 -6.17 -18.93
C SER A 271 38.35 -5.34 -18.77
N PRO A 272 39.12 -5.12 -19.86
CA PRO A 272 40.36 -4.36 -19.79
C PRO A 272 40.16 -2.85 -19.59
N ASN A 273 38.98 -2.33 -19.94
CA ASN A 273 38.63 -0.90 -19.80
C ASN A 273 37.48 -0.80 -18.77
N GLY A 274 37.47 -1.70 -17.79
CA GLY A 274 36.35 -1.79 -16.82
C GLY A 274 35.13 -2.45 -17.44
N LYS A 275 34.12 -2.73 -16.61
CA LYS A 275 32.84 -3.36 -17.01
C LYS A 275 31.73 -2.33 -16.97
N LEU A 276 31.69 -1.53 -15.90
CA LEU A 276 30.58 -0.59 -15.62
C LEU A 276 30.65 0.49 -16.70
N ARG A 277 29.53 1.14 -17.01
CA ARG A 277 29.41 2.06 -18.17
C ARG A 277 29.54 3.51 -17.70
N LEU A 278 30.43 4.27 -18.36
CA LEU A 278 30.72 5.70 -18.03
C LEU A 278 29.42 6.49 -17.96
N LEU A 279 28.61 6.47 -19.02
CA LEU A 279 27.54 7.49 -19.18
C LEU A 279 26.42 7.30 -18.17
N TYR A 280 26.00 6.07 -17.89
CA TYR A 280 24.75 5.80 -17.12
C TYR A 280 25.03 4.98 -15.87
N GLU A 281 26.31 4.67 -15.58
CA GLU A 281 26.71 4.00 -14.30
C GLU A 281 27.82 4.81 -13.65
N CYS A 282 29.01 4.85 -14.27
CA CYS A 282 30.23 5.45 -13.67
C CYS A 282 30.01 6.96 -13.38
N ASN A 283 29.58 7.73 -14.37
CA ASN A 283 29.53 9.21 -14.24
C ASN A 283 28.49 9.62 -13.20
N PRO A 284 27.22 9.14 -13.27
CA PRO A 284 26.22 9.51 -12.27
C PRO A 284 26.73 9.30 -10.84
N MET A 285 27.39 8.17 -10.57
CA MET A 285 27.82 7.83 -9.18
C MET A 285 29.03 8.66 -8.76
N ALA A 286 29.91 9.00 -9.70
CA ALA A 286 31.05 9.89 -9.47
C ALA A 286 30.57 11.30 -9.06
N TYR A 287 29.54 11.83 -9.71
CA TYR A 287 28.96 13.16 -9.39
C TYR A 287 28.45 13.15 -7.94
N VAL A 288 27.71 12.11 -7.55
CA VAL A 288 27.13 11.98 -6.18
C VAL A 288 28.27 11.93 -5.18
N MET A 289 29.31 11.16 -5.48
CA MET A 289 30.48 11.02 -4.58
C MET A 289 31.19 12.37 -4.43
N GLU A 290 31.41 13.06 -5.55
CA GLU A 290 32.21 14.30 -5.55
C GLU A 290 31.40 15.43 -4.89
N LYS A 291 30.07 15.43 -5.03
CA LYS A 291 29.18 16.44 -4.40
C LYS A 291 29.06 16.17 -2.89
N ALA A 292 29.41 14.96 -2.46
CA ALA A 292 29.38 14.55 -1.03
C ALA A 292 30.77 14.60 -0.42
N GLY A 293 31.73 15.26 -1.09
CA GLY A 293 33.09 15.46 -0.55
C GLY A 293 33.92 14.20 -0.67
N GLY A 294 33.57 13.32 -1.60
CA GLY A 294 34.28 12.07 -1.87
C GLY A 294 34.99 12.18 -3.19
N MET A 295 35.38 11.04 -3.75
CA MET A 295 36.27 10.98 -4.93
C MET A 295 35.81 9.84 -5.84
N ALA A 296 36.13 9.93 -7.13
CA ALA A 296 35.87 8.85 -8.11
C ALA A 296 36.93 8.92 -9.21
N THR A 297 37.84 7.94 -9.23
CA THR A 297 38.98 7.91 -10.19
C THR A 297 38.90 6.65 -11.05
N THR A 298 39.52 6.71 -12.23
CA THR A 298 39.75 5.56 -13.14
C THR A 298 41.13 4.97 -12.85
N GLY A 299 41.88 5.61 -11.96
CA GLY A 299 43.31 5.34 -11.73
C GLY A 299 44.14 6.41 -12.41
N LYS A 300 43.91 6.59 -13.73
CA LYS A 300 44.63 7.56 -14.61
C LYS A 300 44.04 8.97 -14.42
N GLU A 301 42.72 9.09 -14.32
CA GLU A 301 42.03 10.41 -14.27
C GLU A 301 40.69 10.32 -13.54
N ALA A 302 40.07 11.47 -13.33
CA ALA A 302 38.73 11.59 -12.72
C ALA A 302 37.71 11.10 -13.74
N VAL A 303 36.78 10.24 -13.29
CA VAL A 303 35.73 9.64 -14.14
C VAL A 303 35.03 10.79 -14.90
N LEU A 304 34.74 11.88 -14.19
CA LEU A 304 33.97 13.04 -14.71
C LEU A 304 34.77 13.80 -15.76
N ASP A 305 36.08 13.56 -15.88
CA ASP A 305 36.99 14.29 -16.80
C ASP A 305 37.27 13.45 -18.05
N VAL A 306 36.71 12.25 -18.12
CA VAL A 306 36.85 11.37 -19.31
C VAL A 306 35.84 11.86 -20.36
N ILE A 307 36.32 12.14 -21.56
CA ILE A 307 35.46 12.61 -22.70
C ILE A 307 34.95 11.38 -23.41
N PRO A 308 33.61 11.12 -23.35
CA PRO A 308 33.03 9.93 -23.97
C PRO A 308 33.20 9.90 -25.50
N THR A 309 33.37 8.69 -26.05
CA THR A 309 33.42 8.42 -27.52
C THR A 309 32.31 7.45 -27.93
N ASP A 310 31.86 6.57 -27.04
CA ASP A 310 30.67 5.71 -27.27
C ASP A 310 29.68 5.86 -26.12
N ILE A 311 28.38 5.85 -26.40
CA ILE A 311 27.32 5.94 -25.36
C ILE A 311 27.37 4.73 -24.43
N HIS A 312 27.94 3.59 -24.89
CA HIS A 312 28.10 2.36 -24.07
C HIS A 312 29.57 2.13 -23.76
N GLN A 313 30.35 3.20 -23.70
CA GLN A 313 31.79 3.13 -23.34
C GLN A 313 31.90 2.63 -21.90
N ARG A 314 32.72 1.61 -21.67
CA ARG A 314 32.98 1.06 -20.32
C ARG A 314 34.10 1.89 -19.72
N ALA A 315 34.18 1.92 -18.39
CA ALA A 315 35.19 2.73 -17.65
C ALA A 315 35.52 2.05 -16.32
N PRO A 316 36.79 2.06 -15.89
CA PRO A 316 37.13 1.57 -14.57
C PRO A 316 36.66 2.59 -13.52
N VAL A 317 36.39 2.11 -12.30
CA VAL A 317 35.82 2.99 -11.24
C VAL A 317 36.40 2.58 -9.88
N ILE A 318 37.01 3.54 -9.19
CA ILE A 318 37.46 3.45 -7.77
C ILE A 318 36.89 4.70 -7.09
N LEU A 319 35.84 4.54 -6.29
CA LEU A 319 35.12 5.70 -5.69
C LEU A 319 34.97 5.49 -4.19
N GLY A 320 34.71 6.58 -3.46
CA GLY A 320 34.31 6.49 -2.04
C GLY A 320 34.93 7.57 -1.20
N SER A 321 35.32 7.20 0.02
CA SER A 321 35.89 8.09 1.07
C SER A 321 37.23 8.66 0.60
N PRO A 322 37.44 9.99 0.68
CA PRO A 322 38.65 10.63 0.15
C PRO A 322 39.98 9.93 0.51
N ASP A 323 40.22 9.67 1.79
CA ASP A 323 41.52 9.13 2.26
C ASP A 323 41.71 7.74 1.64
N ASP A 324 40.62 7.00 1.48
CA ASP A 324 40.68 5.61 0.95
C ASP A 324 41.05 5.66 -0.55
N VAL A 325 40.44 6.55 -1.32
CA VAL A 325 40.69 6.63 -2.79
C VAL A 325 42.11 7.20 -3.01
N LEU A 326 42.54 8.10 -2.12
CA LEU A 326 43.89 8.74 -2.18
C LEU A 326 44.97 7.71 -1.82
N GLU A 327 44.67 6.77 -0.90
CA GLU A 327 45.59 5.66 -0.55
C GLU A 327 45.75 4.72 -1.75
N PHE A 328 44.64 4.42 -2.44
CA PHE A 328 44.68 3.62 -3.70
C PHE A 328 45.51 4.38 -4.74
N LEU A 329 45.30 5.70 -4.81
CA LEU A 329 45.97 6.53 -5.83
C LEU A 329 47.48 6.57 -5.55
N LYS A 330 47.88 6.51 -4.28
CA LYS A 330 49.31 6.48 -3.86
C LYS A 330 49.96 5.19 -4.34
N VAL A 331 49.22 4.07 -4.26
CA VAL A 331 49.73 2.73 -4.65
C VAL A 331 49.74 2.64 -6.18
N TYR A 332 48.79 3.29 -6.85
CA TYR A 332 48.74 3.35 -8.34
C TYR A 332 49.98 4.10 -8.85
N GLU A 333 50.40 5.16 -8.14
CA GLU A 333 51.58 6.00 -8.52
C GLU A 333 52.88 5.23 -8.23
N LYS A 334 52.87 4.34 -7.23
CA LYS A 334 54.01 3.44 -6.89
C LYS A 334 54.18 2.33 -7.95
N HIS A 335 53.14 2.05 -8.73
CA HIS A 335 53.10 0.94 -9.72
C HIS A 335 53.05 1.53 -11.12
N ASP B 10 -5.92 -23.21 -8.97
CA ASP B 10 -4.96 -22.31 -9.67
C ASP B 10 -4.04 -21.66 -8.63
N VAL B 11 -4.57 -20.66 -7.91
CA VAL B 11 -3.81 -19.76 -7.00
C VAL B 11 -3.48 -20.52 -5.71
N ASN B 12 -2.19 -20.70 -5.44
CA ASN B 12 -1.75 -21.39 -4.21
C ASN B 12 -1.15 -20.31 -3.32
N THR B 13 -1.76 -20.10 -2.17
CA THR B 13 -1.31 -19.14 -1.13
C THR B 13 -0.62 -19.93 -0.03
N LEU B 14 0.09 -19.26 0.86
CA LEU B 14 0.69 -19.94 2.03
C LEU B 14 -0.43 -20.49 2.93
N THR B 15 -1.53 -19.77 3.08
CA THR B 15 -2.68 -20.21 3.91
C THR B 15 -3.17 -21.58 3.43
N ARG B 16 -3.38 -21.75 2.12
CA ARG B 16 -3.92 -22.99 1.53
C ARG B 16 -2.86 -24.08 1.58
N PHE B 17 -1.59 -23.70 1.42
CA PHE B 17 -0.43 -24.64 1.52
C PHE B 17 -0.39 -25.25 2.93
N VAL B 18 -0.29 -24.40 3.98
CA VAL B 18 -0.12 -24.86 5.40
C VAL B 18 -1.35 -25.68 5.79
N MET B 19 -2.53 -25.31 5.29
CA MET B 19 -3.79 -26.02 5.60
C MET B 19 -3.81 -27.40 4.94
N GLU B 20 -3.39 -27.47 3.66
CA GLU B 20 -3.37 -28.73 2.89
C GLU B 20 -2.28 -29.67 3.41
N GLU B 21 -1.08 -29.14 3.70
CA GLU B 21 0.05 -29.98 4.15
C GLU B 21 -0.28 -30.55 5.54
N GLY B 22 -0.98 -29.80 6.38
CA GLY B 22 -1.40 -30.27 7.72
C GLY B 22 -2.49 -31.32 7.66
N ARG B 23 -3.35 -31.26 6.64
CA ARG B 23 -4.42 -32.26 6.36
C ARG B 23 -3.79 -33.54 5.79
N LYS B 24 -2.72 -33.40 4.99
CA LYS B 24 -1.96 -34.54 4.41
C LYS B 24 -1.14 -35.22 5.51
N ALA B 25 -0.94 -34.55 6.65
CA ALA B 25 -0.12 -35.05 7.77
C ALA B 25 -1.02 -35.51 8.92
N ARG B 26 -2.34 -35.50 8.72
CA ARG B 26 -3.32 -35.92 9.77
C ARG B 26 -3.02 -35.13 11.05
N GLY B 27 -2.93 -33.81 10.96
CA GLY B 27 -2.42 -32.95 12.05
C GLY B 27 -3.55 -32.33 12.85
N THR B 28 -3.20 -31.74 13.98
CA THR B 28 -4.13 -31.04 14.91
C THR B 28 -4.55 -29.71 14.29
N GLY B 29 -3.62 -28.98 13.67
CA GLY B 29 -3.85 -27.61 13.14
C GLY B 29 -3.02 -26.57 13.87
N GLU B 30 -2.26 -26.99 14.89
CA GLU B 30 -1.39 -26.11 15.68
C GLU B 30 -0.24 -25.56 14.83
N LEU B 31 0.47 -26.41 14.10
CA LEU B 31 1.65 -25.99 13.28
C LEU B 31 1.17 -25.08 12.15
N THR B 32 -0.01 -25.37 11.62
CA THR B 32 -0.68 -24.57 10.56
C THR B 32 -0.91 -23.17 11.14
N GLN B 33 -1.44 -23.11 12.36
CA GLN B 33 -1.76 -21.83 13.04
C GLN B 33 -0.46 -21.06 13.27
N LEU B 34 0.56 -21.75 13.78
CA LEU B 34 1.89 -21.18 14.07
C LEU B 34 2.43 -20.46 12.82
N LEU B 35 2.32 -21.11 11.66
CA LEU B 35 2.91 -20.61 10.39
C LEU B 35 2.08 -19.46 9.79
N ASN B 36 0.76 -19.47 10.00
CA ASN B 36 -0.13 -18.36 9.62
C ASN B 36 0.23 -17.14 10.47
N SER B 37 0.40 -17.35 11.79
CA SER B 37 0.70 -16.28 12.78
C SER B 37 2.07 -15.69 12.48
N LEU B 38 3.07 -16.53 12.25
CA LEU B 38 4.45 -16.10 11.94
C LEU B 38 4.45 -15.30 10.63
N CYS B 39 3.60 -15.68 9.67
CA CYS B 39 3.53 -15.02 8.34
C CYS B 39 2.82 -13.66 8.44
N THR B 40 1.87 -13.49 9.35
CA THR B 40 1.29 -12.15 9.66
C THR B 40 2.42 -11.22 10.16
N ALA B 41 3.27 -11.72 11.07
CA ALA B 41 4.43 -10.99 11.64
C ALA B 41 5.44 -10.63 10.56
N VAL B 42 5.66 -11.53 9.60
CA VAL B 42 6.58 -11.28 8.44
C VAL B 42 6.03 -10.12 7.60
N LYS B 43 4.73 -10.14 7.30
CA LYS B 43 4.08 -9.05 6.51
C LYS B 43 4.28 -7.72 7.25
N ALA B 44 4.04 -7.73 8.56
CA ALA B 44 4.18 -6.52 9.43
C ALA B 44 5.65 -6.08 9.50
N ILE B 45 6.62 -6.99 9.52
CA ILE B 45 8.05 -6.60 9.44
C ILE B 45 8.34 -5.96 8.08
N SER B 46 7.87 -6.57 6.98
CA SER B 46 8.02 -6.06 5.60
C SER B 46 7.53 -4.61 5.53
N SER B 47 6.33 -4.32 6.03
CA SER B 47 5.74 -2.95 6.00
C SER B 47 6.67 -1.96 6.69
N ALA B 48 7.18 -2.30 7.87
CA ALA B 48 8.07 -1.47 8.71
C ALA B 48 9.43 -1.28 8.03
N VAL B 49 9.98 -2.38 7.49
CA VAL B 49 11.32 -2.40 6.84
C VAL B 49 11.30 -1.53 5.59
N ARG B 50 10.18 -1.48 4.85
CA ARG B 50 10.01 -0.65 3.63
C ARG B 50 9.64 0.78 4.01
N LYS B 51 9.61 1.06 5.32
CA LYS B 51 9.52 2.43 5.91
C LYS B 51 8.13 3.05 5.62
N ALA B 52 7.07 2.27 5.78
CA ALA B 52 5.70 2.83 5.73
C ALA B 52 5.42 3.62 7.02
N GLY B 53 5.10 4.90 6.89
CA GLY B 53 4.86 5.78 8.06
C GLY B 53 6.03 6.66 8.39
N ILE B 54 7.17 6.49 7.68
CA ILE B 54 8.46 7.19 7.96
C ILE B 54 8.16 8.70 8.04
N ALA B 55 7.16 9.17 7.30
CA ALA B 55 6.76 10.61 7.22
C ALA B 55 6.29 11.11 8.58
N HIS B 56 5.67 10.24 9.40
CA HIS B 56 5.15 10.59 10.74
C HIS B 56 6.31 10.80 11.71
N LEU B 57 7.43 10.12 11.46
CA LEU B 57 8.65 10.28 12.28
C LEU B 57 9.34 11.60 11.91
N TYR B 58 9.26 12.03 10.65
CA TYR B 58 10.03 13.18 10.10
C TYR B 58 9.14 14.44 10.04
N GLY B 59 7.98 14.44 10.69
CA GLY B 59 7.24 15.66 11.07
C GLY B 59 6.05 16.01 10.19
N ILE B 60 5.54 15.11 9.34
CA ILE B 60 4.47 15.47 8.36
C ILE B 60 3.24 16.07 9.08
N ALA B 61 3.05 15.76 10.36
CA ALA B 61 1.93 16.29 11.18
C ALA B 61 2.45 17.03 12.43
N GLY B 62 3.74 17.38 12.49
CA GLY B 62 4.41 17.96 13.67
C GLY B 62 4.93 16.87 14.60
N SER B 63 4.96 17.14 15.91
CA SER B 63 5.41 16.21 16.99
C SER B 63 6.58 15.33 16.53
N LYS B 73 14.88 0.67 16.48
CA LYS B 73 13.58 0.12 16.93
C LYS B 73 13.18 -1.06 16.02
N LEU B 74 13.64 -1.11 14.78
CA LEU B 74 13.16 -2.12 13.79
C LEU B 74 13.47 -3.54 14.27
N ASP B 75 14.59 -3.76 14.95
CA ASP B 75 14.96 -5.11 15.45
C ASP B 75 14.05 -5.41 16.64
N VAL B 76 13.74 -4.40 17.45
CA VAL B 76 12.92 -4.60 18.69
C VAL B 76 11.46 -4.82 18.25
N LEU B 77 11.00 -4.05 17.27
CA LEU B 77 9.64 -4.20 16.68
C LEU B 77 9.52 -5.60 16.07
N SER B 78 10.49 -5.99 15.24
CA SER B 78 10.53 -7.31 14.55
C SER B 78 10.37 -8.42 15.60
N ASN B 79 11.06 -8.30 16.74
CA ASN B 79 11.05 -9.31 17.82
C ASN B 79 9.66 -9.31 18.44
N ASP B 80 9.13 -8.12 18.72
CA ASP B 80 7.84 -7.96 19.43
C ASP B 80 6.72 -8.52 18.57
N LEU B 81 6.74 -8.22 17.27
CA LEU B 81 5.77 -8.77 16.28
C LEU B 81 5.81 -10.31 16.30
N VAL B 82 6.99 -10.89 16.05
CA VAL B 82 7.14 -12.38 15.97
C VAL B 82 6.72 -12.99 17.31
N MET B 83 7.19 -12.43 18.43
CA MET B 83 6.87 -12.91 19.80
C MET B 83 5.36 -12.97 20.05
N ASN B 84 4.65 -11.87 19.81
CA ASN B 84 3.21 -11.72 20.13
C ASN B 84 2.37 -12.57 19.19
N MET B 85 2.78 -12.68 17.92
CA MET B 85 2.02 -13.50 16.94
C MET B 85 2.19 -14.99 17.28
N LEU B 86 3.39 -15.40 17.73
CA LEU B 86 3.70 -16.81 18.10
C LEU B 86 3.03 -17.17 19.43
N LYS B 87 2.92 -16.23 20.35
CA LYS B 87 2.25 -16.46 21.65
C LYS B 87 0.74 -16.59 21.44
N SER B 88 0.15 -15.69 20.65
CA SER B 88 -1.31 -15.63 20.37
C SER B 88 -1.75 -16.79 19.49
N SER B 89 -0.81 -17.60 18.98
CA SER B 89 -1.06 -18.79 18.11
C SER B 89 -1.52 -19.99 18.94
N PHE B 90 -1.23 -19.98 20.25
CA PHE B 90 -1.57 -21.03 21.23
C PHE B 90 -0.89 -22.34 20.79
N ALA B 91 0.25 -22.23 20.09
CA ALA B 91 0.97 -23.39 19.50
C ALA B 91 2.43 -23.45 19.95
N THR B 92 2.88 -22.52 20.80
CA THR B 92 4.30 -22.42 21.22
C THR B 92 4.38 -22.62 22.73
N CYS B 93 5.45 -23.26 23.19
CA CYS B 93 5.71 -23.47 24.65
C CYS B 93 7.03 -22.78 25.04
N VAL B 94 8.03 -22.80 24.14
CA VAL B 94 9.35 -22.17 24.36
C VAL B 94 9.72 -21.38 23.10
N LEU B 95 10.14 -20.12 23.28
CA LEU B 95 10.56 -19.23 22.18
C LEU B 95 11.97 -18.70 22.47
N VAL B 96 12.90 -18.95 21.55
CA VAL B 96 14.31 -18.49 21.64
C VAL B 96 14.55 -17.43 20.58
N SER B 97 14.96 -16.23 20.98
CA SER B 97 15.30 -15.10 20.08
C SER B 97 16.73 -14.65 20.32
N GLU B 98 17.33 -14.00 19.32
CA GLU B 98 18.69 -13.43 19.47
C GLU B 98 18.61 -12.22 20.39
N GLU B 99 17.42 -11.64 20.57
CA GLU B 99 17.19 -10.36 21.28
C GLU B 99 17.14 -10.64 22.78
N ASP B 100 16.74 -11.84 23.17
CA ASP B 100 16.53 -12.22 24.59
C ASP B 100 17.62 -13.20 24.99
N LYS B 101 18.29 -12.94 26.11
CA LYS B 101 19.42 -13.77 26.58
C LYS B 101 18.90 -15.11 27.08
N HIS B 102 17.67 -15.13 27.57
CA HIS B 102 17.06 -16.32 28.22
C HIS B 102 15.89 -16.76 27.36
N ALA B 103 15.69 -18.08 27.26
CA ALA B 103 14.51 -18.66 26.60
C ALA B 103 13.25 -18.04 27.22
N ILE B 104 12.25 -17.77 26.39
CA ILE B 104 10.92 -17.28 26.84
C ILE B 104 10.02 -18.51 27.00
N ILE B 105 9.58 -18.77 28.23
CA ILE B 105 8.64 -19.89 28.53
C ILE B 105 7.24 -19.31 28.41
N VAL B 106 6.50 -19.72 27.40
CA VAL B 106 5.18 -19.13 27.05
C VAL B 106 4.24 -19.43 28.22
N GLU B 107 3.45 -18.45 28.65
CA GLU B 107 2.55 -18.57 29.83
C GLU B 107 1.62 -19.77 29.62
N PRO B 108 1.28 -20.52 30.69
CA PRO B 108 0.48 -21.75 30.58
C PRO B 108 -0.83 -21.60 29.79
N GLU B 109 -1.42 -20.40 29.79
CA GLU B 109 -2.80 -20.21 29.24
C GLU B 109 -2.73 -20.12 27.71
N LYS B 110 -1.56 -19.85 27.11
CA LYS B 110 -1.43 -19.86 25.63
C LYS B 110 -0.28 -20.80 25.21
N ARG B 111 0.00 -21.79 26.05
CA ARG B 111 1.08 -22.79 25.84
C ARG B 111 0.64 -23.85 24.82
N GLY B 112 1.49 -24.17 23.86
CA GLY B 112 1.26 -25.22 22.85
C GLY B 112 2.41 -26.21 22.82
N LYS B 113 2.60 -26.93 21.71
CA LYS B 113 3.53 -28.10 21.67
C LYS B 113 4.78 -27.83 20.81
N TYR B 114 5.00 -26.62 20.31
CA TYR B 114 6.13 -26.37 19.37
C TYR B 114 7.11 -25.37 20.01
N VAL B 115 8.38 -25.57 19.70
CA VAL B 115 9.50 -24.68 20.12
C VAL B 115 9.94 -23.92 18.88
N VAL B 116 9.97 -22.59 18.96
CA VAL B 116 10.41 -21.75 17.81
C VAL B 116 11.69 -20.98 18.19
N CYS B 117 12.79 -21.26 17.52
CA CYS B 117 14.03 -20.46 17.61
C CYS B 117 14.09 -19.55 16.39
N PHE B 118 14.25 -18.24 16.58
CA PHE B 118 14.14 -17.27 15.46
C PHE B 118 15.12 -16.10 15.60
N ASP B 119 15.63 -15.63 14.45
CA ASP B 119 16.36 -14.35 14.33
C ASP B 119 15.40 -13.33 13.70
N PRO B 120 14.95 -12.31 14.46
CA PRO B 120 13.91 -11.39 13.98
C PRO B 120 14.30 -10.47 12.80
N LEU B 121 15.50 -9.91 12.81
CA LEU B 121 15.98 -9.04 11.70
C LEU B 121 17.46 -9.29 11.47
N ASP B 122 17.79 -10.38 10.78
CA ASP B 122 19.17 -10.78 10.46
C ASP B 122 19.74 -9.81 9.42
N GLY B 123 20.90 -9.19 9.72
CA GLY B 123 21.59 -8.18 8.90
C GLY B 123 21.33 -6.75 9.36
N SER B 124 20.54 -6.53 10.44
CA SER B 124 20.05 -5.19 10.90
C SER B 124 21.22 -4.30 11.32
N SER B 125 22.38 -4.88 11.63
CA SER B 125 23.64 -4.13 11.88
C SER B 125 23.82 -3.11 10.74
N ASN B 126 23.76 -3.58 9.50
CA ASN B 126 23.92 -2.74 8.28
C ASN B 126 22.55 -2.60 7.59
N ILE B 127 21.57 -2.02 8.28
CA ILE B 127 20.22 -1.74 7.70
C ILE B 127 20.14 -0.27 7.28
N ASP B 128 21.05 0.57 7.81
CA ASP B 128 21.12 2.01 7.46
C ASP B 128 21.64 2.19 6.03
N CYS B 129 22.23 1.16 5.41
CA CYS B 129 22.64 1.18 3.98
C CYS B 129 21.53 0.61 3.10
N LEU B 130 20.41 0.24 3.71
CA LEU B 130 19.20 -0.28 3.00
C LEU B 130 19.54 -1.59 2.26
N VAL B 131 20.38 -2.45 2.86
CA VAL B 131 20.65 -3.78 2.24
C VAL B 131 19.63 -4.80 2.75
N SER B 132 19.49 -5.89 2.00
CA SER B 132 18.50 -6.96 2.24
C SER B 132 18.62 -7.39 3.70
N VAL B 133 17.48 -7.61 4.36
CA VAL B 133 17.40 -8.06 5.78
C VAL B 133 16.52 -9.28 5.80
N GLY B 134 16.42 -9.97 6.95
CA GLY B 134 15.58 -11.18 6.99
C GLY B 134 15.04 -11.52 8.36
N THR B 135 14.14 -12.50 8.37
CA THR B 135 13.61 -13.16 9.57
C THR B 135 13.85 -14.65 9.40
N ILE B 136 14.75 -15.25 10.18
CA ILE B 136 15.08 -16.70 10.09
C ILE B 136 14.36 -17.42 11.23
N PHE B 137 13.82 -18.61 10.97
CA PHE B 137 12.97 -19.36 11.95
C PHE B 137 13.25 -20.86 11.83
N GLY B 138 13.15 -21.55 12.96
CA GLY B 138 13.23 -23.02 13.06
C GLY B 138 12.22 -23.53 14.06
N ILE B 139 11.39 -24.50 13.69
CA ILE B 139 10.32 -25.03 14.59
C ILE B 139 10.66 -26.47 14.98
N TYR B 140 10.74 -26.74 16.28
CA TYR B 140 10.83 -28.12 16.82
C TYR B 140 9.54 -28.47 17.58
N ARG B 141 9.33 -29.74 17.87
CA ARG B 141 8.30 -30.17 18.85
C ARG B 141 8.97 -30.31 20.22
N LYS B 142 8.26 -29.95 21.29
CA LYS B 142 8.73 -30.15 22.68
C LYS B 142 9.14 -31.63 22.82
N LYS B 143 10.36 -31.87 23.28
CA LYS B 143 10.81 -33.24 23.65
C LYS B 143 10.05 -33.65 24.93
N SER B 144 9.74 -32.69 25.80
CA SER B 144 9.15 -32.92 27.15
C SER B 144 7.71 -33.43 27.05
N THR B 145 7.28 -34.15 28.08
CA THR B 145 5.86 -34.50 28.35
C THR B 145 5.46 -33.85 29.67
N ASP B 146 6.40 -33.14 30.32
CA ASP B 146 6.18 -32.49 31.64
C ASP B 146 5.98 -30.98 31.42
N GLU B 147 6.88 -30.15 31.92
CA GLU B 147 6.80 -28.68 31.79
C GLU B 147 7.87 -28.24 30.80
N PRO B 148 7.59 -27.20 29.99
CA PRO B 148 8.57 -26.70 29.03
C PRO B 148 9.80 -26.05 29.66
N SER B 149 10.99 -26.22 29.05
CA SER B 149 12.28 -25.64 29.50
C SER B 149 13.13 -25.22 28.29
N GLU B 150 14.28 -24.60 28.53
CA GLU B 150 15.22 -24.20 27.45
C GLU B 150 15.78 -25.48 26.81
N LYS B 151 15.65 -26.63 27.47
CA LYS B 151 16.21 -27.89 26.95
C LYS B 151 15.36 -28.37 25.78
N ASP B 152 14.10 -27.92 25.70
CA ASP B 152 13.22 -28.25 24.56
C ASP B 152 13.70 -27.53 23.30
N ALA B 153 14.56 -26.52 23.43
CA ALA B 153 15.19 -25.77 22.30
C ALA B 153 16.62 -26.25 22.04
N LEU B 154 17.22 -26.97 22.98
CA LEU B 154 18.61 -27.49 22.85
C LEU B 154 18.59 -28.83 22.10
N GLN B 155 17.85 -28.90 21.00
CA GLN B 155 17.71 -30.11 20.18
C GLN B 155 18.53 -29.94 18.91
N PRO B 156 19.09 -31.03 18.36
CA PRO B 156 19.78 -30.96 17.08
C PRO B 156 18.83 -30.66 15.89
N GLY B 157 19.36 -30.00 14.86
CA GLY B 157 18.58 -29.58 13.68
C GLY B 157 17.96 -30.75 12.93
N ARG B 158 18.36 -31.98 13.22
CA ARG B 158 17.75 -33.19 12.60
C ARG B 158 16.27 -33.23 12.99
N ASN B 159 15.97 -32.84 14.23
CA ASN B 159 14.62 -32.97 14.83
C ASN B 159 13.70 -31.84 14.38
N LEU B 160 14.20 -30.90 13.56
CA LEU B 160 13.39 -29.77 13.01
C LEU B 160 12.16 -30.34 12.29
N VAL B 161 11.00 -29.74 12.51
CA VAL B 161 9.75 -30.10 11.80
C VAL B 161 9.61 -29.17 10.61
N ALA B 162 9.93 -27.90 10.80
CA ALA B 162 9.77 -26.83 9.78
C ALA B 162 10.81 -25.76 10.04
N ALA B 163 11.47 -25.27 8.99
CA ALA B 163 12.42 -24.14 9.09
C ALA B 163 12.34 -23.28 7.82
N GLY B 164 12.87 -22.07 7.91
CA GLY B 164 12.90 -21.19 6.74
C GLY B 164 13.22 -19.75 7.07
N TYR B 165 13.01 -18.88 6.09
CA TYR B 165 13.44 -17.48 6.18
C TYR B 165 12.52 -16.61 5.32
N ALA B 166 12.36 -15.37 5.77
CA ALA B 166 11.69 -14.28 5.02
C ALA B 166 12.77 -13.29 4.55
N LEU B 167 12.91 -13.10 3.23
CA LEU B 167 13.89 -12.14 2.67
C LEU B 167 13.16 -10.84 2.36
N TYR B 168 13.58 -9.72 2.97
CA TYR B 168 13.09 -8.38 2.61
C TYR B 168 14.13 -7.74 1.69
N GLY B 169 14.13 -8.19 0.43
CA GLY B 169 15.04 -7.68 -0.61
C GLY B 169 14.28 -6.83 -1.61
N SER B 170 14.63 -6.95 -2.89
CA SER B 170 13.90 -6.31 -4.01
C SER B 170 12.41 -6.59 -3.83
N ALA B 171 12.06 -7.80 -3.40
CA ALA B 171 10.67 -8.21 -3.05
C ALA B 171 10.74 -9.10 -1.81
N THR B 172 9.61 -9.31 -1.15
CA THR B 172 9.56 -10.09 0.11
C THR B 172 9.19 -11.51 -0.28
N MET B 173 9.97 -12.48 0.18
CA MET B 173 9.77 -13.91 -0.09
C MET B 173 9.88 -14.70 1.19
N LEU B 174 8.90 -15.56 1.48
CA LEU B 174 9.07 -16.57 2.54
C LEU B 174 9.48 -17.87 1.89
N VAL B 175 10.61 -18.41 2.33
CA VAL B 175 11.08 -19.76 1.94
C VAL B 175 10.74 -20.68 3.10
N LEU B 176 9.82 -21.62 2.89
CA LEU B 176 9.40 -22.61 3.91
C LEU B 176 9.92 -23.99 3.48
N ALA B 177 10.76 -24.60 4.31
CA ALA B 177 11.29 -25.95 4.12
C ALA B 177 10.62 -26.90 5.10
N MET B 178 10.27 -28.09 4.62
CA MET B 178 9.64 -29.16 5.44
C MET B 178 10.05 -30.51 4.87
N ASP B 179 9.44 -31.60 5.35
CA ASP B 179 9.65 -32.96 4.79
C ASP B 179 9.18 -33.00 3.33
N CYS B 180 8.12 -32.26 2.98
CA CYS B 180 7.59 -32.13 1.58
C CYS B 180 8.60 -31.40 0.68
N GLY B 181 9.61 -30.74 1.25
CA GLY B 181 10.67 -30.03 0.50
C GLY B 181 10.64 -28.53 0.77
N VAL B 182 11.27 -27.75 -0.11
CA VAL B 182 11.43 -26.29 0.04
C VAL B 182 10.50 -25.61 -0.95
N ASN B 183 9.64 -24.73 -0.43
CA ASN B 183 8.64 -24.00 -1.24
C ASN B 183 8.85 -22.51 -0.99
N CYS B 184 8.78 -21.73 -2.06
CA CYS B 184 9.07 -20.27 -2.07
C CYS B 184 7.77 -19.50 -2.33
N PHE B 185 7.50 -18.49 -1.49
CA PHE B 185 6.25 -17.69 -1.57
C PHE B 185 6.59 -16.19 -1.66
N MET B 186 6.17 -15.53 -2.75
CA MET B 186 6.33 -14.06 -2.94
C MET B 186 5.16 -13.32 -2.31
N LEU B 187 5.44 -12.28 -1.54
CA LEU B 187 4.39 -11.43 -0.93
C LEU B 187 3.86 -10.50 -2.00
N ASP B 188 2.54 -10.47 -2.19
CA ASP B 188 1.88 -9.43 -3.03
C ASP B 188 1.48 -8.31 -2.06
N PRO B 189 2.24 -7.20 -2.02
CA PRO B 189 1.97 -6.16 -1.05
C PRO B 189 0.55 -5.58 -1.23
N ALA B 190 -0.04 -5.70 -2.41
CA ALA B 190 -1.34 -5.07 -2.77
C ALA B 190 -2.49 -5.74 -2.01
N ILE B 191 -2.42 -7.06 -1.82
CA ILE B 191 -3.52 -7.85 -1.20
C ILE B 191 -2.99 -8.55 0.05
N GLY B 192 -1.70 -8.50 0.32
CA GLY B 192 -1.13 -9.06 1.57
C GLY B 192 -1.22 -10.57 1.59
N GLU B 193 -0.96 -11.20 0.47
CA GLU B 193 -0.97 -12.69 0.33
C GLU B 193 0.43 -13.14 -0.09
N PHE B 194 0.90 -14.23 0.48
CA PHE B 194 2.13 -14.92 0.04
C PHE B 194 1.73 -15.90 -1.06
N ILE B 195 2.32 -15.80 -2.25
CA ILE B 195 1.92 -16.57 -3.45
C ILE B 195 2.99 -17.62 -3.78
N LEU B 196 2.58 -18.88 -3.89
CA LEU B 196 3.46 -20.00 -4.31
C LEU B 196 3.95 -19.74 -5.74
N VAL B 197 5.25 -19.48 -5.89
CA VAL B 197 5.87 -19.06 -7.19
C VAL B 197 6.99 -20.03 -7.57
N ASP B 198 7.48 -20.89 -6.65
CA ASP B 198 8.52 -21.92 -6.92
C ASP B 198 8.31 -23.14 -6.00
N LYS B 199 7.97 -24.29 -6.56
CA LYS B 199 7.57 -25.53 -5.82
C LYS B 199 8.72 -26.55 -5.76
N ASP B 200 8.79 -27.27 -4.63
CA ASP B 200 9.81 -28.30 -4.29
C ASP B 200 11.14 -27.93 -4.93
N VAL B 201 11.69 -26.78 -4.56
CA VAL B 201 12.92 -26.23 -5.18
C VAL B 201 14.11 -27.08 -4.71
N LYS B 202 15.08 -27.27 -5.60
CA LYS B 202 16.32 -28.04 -5.39
C LYS B 202 17.50 -27.22 -5.90
N ILE B 203 18.66 -27.37 -5.28
CA ILE B 203 19.84 -26.51 -5.60
C ILE B 203 20.62 -27.16 -6.75
N LYS B 204 21.33 -26.36 -7.54
CA LYS B 204 22.36 -26.83 -8.50
C LYS B 204 23.39 -27.73 -7.77
N LYS B 205 23.82 -28.81 -8.44
CA LYS B 205 24.83 -29.77 -7.93
C LYS B 205 26.14 -29.00 -7.71
N LYS B 206 26.48 -28.08 -8.63
CA LYS B 206 27.67 -27.21 -8.49
C LYS B 206 27.34 -25.81 -8.98
N GLY B 207 27.86 -24.80 -8.28
CA GLY B 207 27.67 -23.38 -8.62
C GLY B 207 28.98 -22.76 -9.04
N LYS B 208 28.97 -21.44 -9.27
CA LYS B 208 30.14 -20.65 -9.70
C LYS B 208 30.23 -19.36 -8.87
N ILE B 209 29.72 -19.40 -7.65
CA ILE B 209 29.75 -18.23 -6.71
C ILE B 209 30.27 -18.70 -5.35
N TYR B 210 31.15 -17.92 -4.74
CA TYR B 210 31.65 -18.16 -3.36
C TYR B 210 31.34 -16.90 -2.54
N SER B 211 31.06 -17.06 -1.25
CA SER B 211 30.57 -15.97 -0.38
C SER B 211 31.25 -16.02 0.98
N LEU B 212 32.04 -14.99 1.33
CA LEU B 212 32.68 -14.87 2.65
C LEU B 212 33.28 -13.48 2.82
N ASN B 213 33.45 -13.04 4.06
CA ASN B 213 34.14 -11.76 4.40
C ASN B 213 35.64 -12.04 4.29
N GLU B 214 36.28 -11.54 3.22
CA GLU B 214 37.72 -11.80 2.96
C GLU B 214 38.58 -10.86 3.81
N GLY B 215 37.96 -9.97 4.59
CA GLY B 215 38.65 -9.07 5.53
C GLY B 215 39.22 -9.81 6.73
N TYR B 216 38.81 -11.08 6.92
CA TYR B 216 39.34 -11.98 7.98
C TYR B 216 40.42 -12.89 7.41
N ALA B 217 41.09 -12.49 6.32
CA ALA B 217 42.02 -13.35 5.53
C ALA B 217 43.27 -13.74 6.35
N ARG B 218 43.75 -12.85 7.24
CA ARG B 218 44.90 -13.16 8.14
C ARG B 218 44.46 -14.13 9.24
N ASP B 219 43.22 -14.04 9.71
CA ASP B 219 42.74 -14.88 10.85
C ASP B 219 42.14 -16.19 10.33
N PHE B 220 42.27 -16.49 9.03
CA PHE B 220 41.64 -17.68 8.37
C PHE B 220 42.44 -18.96 8.61
N ASP B 221 41.73 -20.08 8.63
CA ASP B 221 42.34 -21.44 8.71
C ASP B 221 43.03 -21.72 7.39
N PRO B 222 44.16 -22.45 7.39
CA PRO B 222 44.85 -22.81 6.15
C PRO B 222 43.97 -23.53 5.11
N ALA B 223 42.93 -24.23 5.57
CA ALA B 223 41.95 -24.95 4.70
C ALA B 223 41.07 -23.95 3.95
N VAL B 224 40.62 -22.92 4.66
CA VAL B 224 39.76 -21.85 4.07
C VAL B 224 40.61 -21.04 3.07
N THR B 225 41.85 -20.75 3.43
CA THR B 225 42.83 -20.03 2.57
C THR B 225 42.99 -20.77 1.25
N GLU B 226 43.18 -22.10 1.31
CA GLU B 226 43.37 -22.96 0.10
C GLU B 226 42.10 -22.95 -0.73
N TYR B 227 40.92 -23.19 -0.13
CA TYR B 227 39.65 -23.35 -0.88
C TYR B 227 39.38 -22.07 -1.68
N ILE B 228 39.60 -20.90 -1.06
CA ILE B 228 39.35 -19.58 -1.70
C ILE B 228 40.33 -19.38 -2.86
N GLN B 229 41.58 -19.81 -2.70
CA GLN B 229 42.63 -19.76 -3.77
C GLN B 229 42.28 -20.69 -4.93
N ARG B 230 41.65 -21.83 -4.65
CA ARG B 230 41.26 -22.79 -5.71
C ARG B 230 40.13 -22.20 -6.58
N LYS B 231 39.41 -21.20 -6.07
CA LYS B 231 38.25 -20.60 -6.77
C LYS B 231 38.70 -19.36 -7.54
N LYS B 232 39.64 -18.62 -6.96
CA LYS B 232 40.24 -17.42 -7.60
C LYS B 232 41.24 -17.87 -8.66
N PHE B 233 41.98 -18.96 -8.37
CA PHE B 233 43.02 -19.55 -9.25
C PHE B 233 42.65 -21.02 -9.48
N PRO B 234 41.75 -21.31 -10.44
CA PRO B 234 41.33 -22.68 -10.72
C PRO B 234 42.48 -23.60 -11.12
N PRO B 235 42.67 -24.74 -10.41
CA PRO B 235 43.72 -25.70 -10.75
C PRO B 235 43.40 -26.53 -12.00
N ASP B 236 42.12 -26.57 -12.40
CA ASP B 236 41.63 -27.43 -13.52
C ASP B 236 41.51 -26.59 -14.79
N ASN B 237 42.12 -25.39 -14.80
CA ASN B 237 42.02 -24.45 -15.94
C ASN B 237 40.53 -24.24 -16.28
N SER B 238 39.68 -24.16 -15.27
CA SER B 238 38.24 -23.77 -15.41
C SER B 238 38.14 -22.27 -15.18
N ALA B 239 36.98 -21.69 -15.46
CA ALA B 239 36.73 -20.25 -15.25
C ALA B 239 36.84 -19.97 -13.75
N PRO B 240 37.53 -18.89 -13.33
CA PRO B 240 37.51 -18.48 -11.93
C PRO B 240 36.08 -18.19 -11.44
N TYR B 241 35.74 -18.59 -10.21
CA TYR B 241 34.40 -18.34 -9.62
C TYR B 241 34.18 -16.85 -9.37
N GLY B 242 32.91 -16.44 -9.27
CA GLY B 242 32.50 -15.08 -8.84
C GLY B 242 32.41 -14.97 -7.33
N ALA B 243 32.56 -13.75 -6.81
CA ALA B 243 32.40 -13.44 -5.36
C ALA B 243 31.17 -12.54 -5.16
N ARG B 244 30.31 -12.93 -4.23
CA ARG B 244 29.18 -12.12 -3.71
C ARG B 244 29.17 -12.29 -2.19
N TYR B 245 29.18 -11.18 -1.44
CA TYR B 245 28.96 -11.16 0.03
C TYR B 245 28.20 -9.90 0.44
N VAL B 246 26.87 -10.02 0.54
CA VAL B 246 25.94 -8.93 0.95
C VAL B 246 26.21 -8.57 2.42
N GLY B 247 26.53 -9.58 3.24
CA GLY B 247 26.75 -9.40 4.68
C GLY B 247 25.45 -9.60 5.43
N SER B 248 24.38 -9.97 4.73
CA SER B 248 23.12 -10.46 5.32
C SER B 248 22.95 -11.92 4.92
N MET B 249 23.02 -12.83 5.90
CA MET B 249 22.98 -14.30 5.65
C MET B 249 21.75 -14.67 4.82
N VAL B 250 20.58 -14.10 5.14
CA VAL B 250 19.29 -14.43 4.46
C VAL B 250 19.49 -14.23 2.96
N ALA B 251 20.07 -13.11 2.57
CA ALA B 251 20.32 -12.72 1.15
C ALA B 251 21.35 -13.65 0.50
N ASP B 252 22.44 -13.95 1.22
CA ASP B 252 23.59 -14.71 0.69
C ASP B 252 23.20 -16.17 0.52
N VAL B 253 22.43 -16.70 1.47
CA VAL B 253 21.97 -18.11 1.44
C VAL B 253 20.85 -18.25 0.40
N HIS B 254 20.00 -17.23 0.23
CA HIS B 254 18.92 -17.24 -0.81
C HIS B 254 19.54 -17.27 -2.21
N ARG B 255 20.54 -16.41 -2.43
CA ARG B 255 21.34 -16.39 -3.69
C ARG B 255 21.93 -17.80 -3.90
N THR B 256 22.52 -18.36 -2.84
CA THR B 256 23.15 -19.69 -2.90
C THR B 256 22.09 -20.71 -3.35
N LEU B 257 20.86 -20.62 -2.82
CA LEU B 257 19.74 -21.55 -3.18
C LEU B 257 19.31 -21.32 -4.63
N VAL B 258 19.06 -20.07 -5.02
CA VAL B 258 18.45 -19.73 -6.34
C VAL B 258 19.48 -19.91 -7.45
N TYR B 259 20.74 -19.54 -7.25
CA TYR B 259 21.76 -19.50 -8.34
C TYR B 259 22.82 -20.59 -8.17
N GLY B 260 23.02 -21.08 -6.96
CA GLY B 260 24.03 -22.12 -6.66
C GLY B 260 25.26 -21.52 -6.04
N GLY B 261 26.22 -22.36 -5.63
CA GLY B 261 27.55 -21.95 -5.14
C GLY B 261 27.73 -22.29 -3.68
N ILE B 262 28.51 -21.49 -2.93
CA ILE B 262 28.87 -21.81 -1.53
C ILE B 262 28.87 -20.53 -0.68
N PHE B 263 28.33 -20.63 0.54
CA PHE B 263 28.36 -19.55 1.56
C PHE B 263 29.20 -20.07 2.72
N LEU B 264 30.19 -19.29 3.13
CA LEU B 264 31.14 -19.71 4.18
C LEU B 264 31.18 -18.62 5.24
N TYR B 265 30.78 -18.95 6.46
CA TYR B 265 31.21 -18.16 7.64
C TYR B 265 32.06 -19.09 8.48
N PRO B 266 33.36 -19.25 8.11
CA PRO B 266 34.21 -20.28 8.68
C PRO B 266 34.77 -19.85 10.05
N ALA B 267 35.51 -20.77 10.68
CA ALA B 267 36.10 -20.56 12.02
C ALA B 267 37.43 -19.81 11.86
N ASN B 268 37.59 -18.71 12.61
CA ASN B 268 38.88 -17.97 12.72
C ASN B 268 39.58 -18.49 13.97
N LYS B 269 40.80 -18.03 14.23
CA LYS B 269 41.49 -18.27 15.52
C LYS B 269 40.98 -17.24 16.53
N LYS B 270 40.31 -16.18 16.05
CA LYS B 270 39.66 -15.12 16.87
C LYS B 270 38.19 -15.48 17.13
N SER B 271 37.62 -16.36 16.31
CA SER B 271 36.25 -16.91 16.46
C SER B 271 36.30 -18.41 16.18
N PRO B 272 36.70 -19.21 17.19
CA PRO B 272 36.90 -20.64 16.99
C PRO B 272 35.61 -21.45 16.75
N ASN B 273 34.47 -20.95 17.23
CA ASN B 273 33.14 -21.62 17.03
C ASN B 273 32.32 -20.83 15.99
N GLY B 274 32.97 -20.03 15.14
CA GLY B 274 32.28 -19.15 14.17
C GLY B 274 31.71 -17.91 14.82
N LYS B 275 30.82 -17.20 14.10
CA LYS B 275 30.02 -16.04 14.61
C LYS B 275 28.53 -16.37 14.60
N LEU B 276 28.05 -16.98 13.52
CA LEU B 276 26.61 -17.19 13.29
C LEU B 276 26.09 -18.24 14.29
N ARG B 277 24.84 -18.07 14.73
CA ARG B 277 24.29 -18.79 15.91
C ARG B 277 23.58 -20.05 15.44
N LEU B 278 23.87 -21.17 16.10
CA LEU B 278 23.42 -22.50 15.64
C LEU B 278 21.89 -22.50 15.56
N LEU B 279 21.20 -22.20 16.67
CA LEU B 279 19.72 -22.43 16.82
C LEU B 279 18.92 -21.63 15.79
N TYR B 280 19.20 -20.34 15.63
CA TYR B 280 18.30 -19.42 14.90
C TYR B 280 18.93 -18.82 13.65
N GLU B 281 20.11 -19.26 13.24
CA GLU B 281 20.74 -18.83 11.97
C GLU B 281 21.29 -20.04 11.20
N CYS B 282 22.24 -20.76 11.77
CA CYS B 282 22.96 -21.87 11.08
C CYS B 282 22.02 -23.07 10.85
N ASN B 283 21.30 -23.51 11.88
CA ASN B 283 20.46 -24.74 11.83
C ASN B 283 19.34 -24.49 10.84
N PRO B 284 18.53 -23.40 10.98
CA PRO B 284 17.42 -23.15 10.07
C PRO B 284 17.84 -23.18 8.60
N MET B 285 19.01 -22.61 8.28
CA MET B 285 19.51 -22.49 6.88
C MET B 285 20.13 -23.82 6.42
N ALA B 286 20.58 -24.64 7.37
CA ALA B 286 21.11 -25.98 7.06
C ALA B 286 19.95 -26.90 6.64
N TYR B 287 18.78 -26.75 7.27
CA TYR B 287 17.57 -27.57 6.98
C TYR B 287 17.06 -27.20 5.57
N VAL B 288 17.06 -25.92 5.22
CA VAL B 288 16.61 -25.43 3.87
C VAL B 288 17.57 -26.02 2.83
N MET B 289 18.87 -25.99 3.11
CA MET B 289 19.89 -26.47 2.14
C MET B 289 19.72 -27.97 1.94
N GLU B 290 19.67 -28.70 3.05
CA GLU B 290 19.52 -30.18 3.00
C GLU B 290 18.22 -30.54 2.29
N LYS B 291 17.11 -29.86 2.59
CA LYS B 291 15.79 -30.20 1.97
C LYS B 291 15.79 -29.83 0.48
N ALA B 292 16.81 -29.12 0.01
CA ALA B 292 16.96 -28.71 -1.40
C ALA B 292 18.16 -29.40 -2.04
N GLY B 293 18.62 -30.54 -1.48
CA GLY B 293 19.69 -31.38 -2.06
C GLY B 293 21.04 -30.71 -1.96
N GLY B 294 21.17 -29.73 -1.08
CA GLY B 294 22.46 -29.10 -0.77
C GLY B 294 22.98 -29.65 0.54
N MET B 295 24.10 -29.10 1.03
CA MET B 295 24.77 -29.63 2.24
C MET B 295 25.14 -28.44 3.13
N ALA B 296 25.38 -28.72 4.42
CA ALA B 296 25.74 -27.67 5.41
C ALA B 296 26.60 -28.29 6.53
N THR B 297 27.91 -27.99 6.50
CA THR B 297 28.92 -28.57 7.44
C THR B 297 29.53 -27.47 8.32
N THR B 298 30.06 -27.86 9.49
CA THR B 298 30.88 -26.99 10.38
C THR B 298 32.36 -27.19 10.05
N GLY B 299 32.67 -28.14 9.16
CA GLY B 299 34.02 -28.66 8.88
C GLY B 299 34.19 -30.05 9.45
N LYS B 300 33.81 -30.23 10.72
CA LYS B 300 33.94 -31.52 11.47
C LYS B 300 32.66 -32.36 11.27
N GLU B 301 31.49 -31.73 11.31
CA GLU B 301 30.19 -32.46 11.30
C GLU B 301 29.15 -31.65 10.53
N ALA B 302 28.02 -32.27 10.27
CA ALA B 302 26.82 -31.61 9.72
C ALA B 302 26.21 -30.73 10.80
N VAL B 303 25.86 -29.49 10.44
CA VAL B 303 25.23 -28.48 11.34
C VAL B 303 24.07 -29.16 12.06
N LEU B 304 23.24 -29.91 11.32
CA LEU B 304 22.00 -30.56 11.85
C LEU B 304 22.34 -31.65 12.87
N ASP B 305 23.57 -32.19 12.82
CA ASP B 305 24.01 -33.30 13.71
C ASP B 305 24.62 -32.73 15.00
N VAL B 306 24.99 -31.45 15.03
CA VAL B 306 25.58 -30.82 16.25
C VAL B 306 24.52 -30.74 17.35
N ILE B 307 24.89 -31.12 18.57
CA ILE B 307 23.97 -31.14 19.75
C ILE B 307 24.17 -29.84 20.51
N PRO B 308 23.15 -28.96 20.49
CA PRO B 308 23.25 -27.66 21.17
C PRO B 308 23.45 -27.85 22.67
N THR B 309 24.27 -26.97 23.27
CA THR B 309 24.51 -26.91 24.72
C THR B 309 24.18 -25.49 25.25
N ASP B 310 24.03 -24.52 24.35
CA ASP B 310 23.71 -23.10 24.72
C ASP B 310 22.77 -22.52 23.65
N ILE B 311 21.76 -21.75 24.06
CA ILE B 311 20.74 -21.19 23.10
C ILE B 311 21.39 -20.17 22.16
N HIS B 312 22.40 -19.44 22.62
CA HIS B 312 23.18 -18.45 21.81
C HIS B 312 24.53 -19.05 21.36
N GLN B 313 24.67 -20.37 21.41
CA GLN B 313 25.85 -21.09 20.88
C GLN B 313 26.12 -20.63 19.44
N ARG B 314 27.36 -20.28 19.15
CA ARG B 314 27.82 -19.99 17.76
C ARG B 314 28.29 -21.30 17.17
N ALA B 315 28.21 -21.43 15.85
CA ALA B 315 28.72 -22.57 15.08
C ALA B 315 29.30 -22.04 13.77
N PRO B 316 30.36 -22.69 13.23
CA PRO B 316 30.87 -22.37 11.90
C PRO B 316 29.90 -22.93 10.85
N VAL B 317 29.81 -22.32 9.67
CA VAL B 317 28.81 -22.79 8.65
C VAL B 317 29.37 -22.65 7.23
N ILE B 318 29.50 -23.79 6.55
CA ILE B 318 29.83 -23.86 5.10
C ILE B 318 28.64 -24.56 4.44
N LEU B 319 27.79 -23.82 3.72
CA LEU B 319 26.55 -24.39 3.12
C LEU B 319 26.49 -24.08 1.62
N GLY B 320 25.63 -24.80 0.90
CA GLY B 320 25.34 -24.50 -0.52
C GLY B 320 25.20 -25.74 -1.37
N SER B 321 25.61 -25.61 -2.64
CA SER B 321 25.61 -26.69 -3.66
C SER B 321 26.48 -27.86 -3.19
N PRO B 322 26.00 -29.12 -3.35
CA PRO B 322 26.68 -30.28 -2.76
C PRO B 322 28.15 -30.47 -3.20
N ASP B 323 28.45 -30.36 -4.50
CA ASP B 323 29.81 -30.62 -5.04
C ASP B 323 30.79 -29.56 -4.52
N ASP B 324 30.29 -28.39 -4.14
CA ASP B 324 31.13 -27.26 -3.66
C ASP B 324 31.48 -27.46 -2.18
N VAL B 325 30.53 -27.93 -1.38
CA VAL B 325 30.77 -28.12 0.08
C VAL B 325 31.67 -29.36 0.22
N LEU B 326 31.53 -30.33 -0.68
CA LEU B 326 32.34 -31.58 -0.71
C LEU B 326 33.79 -31.24 -1.04
N GLU B 327 34.00 -30.37 -2.02
CA GLU B 327 35.34 -29.87 -2.41
C GLU B 327 36.00 -29.23 -1.18
N PHE B 328 35.29 -28.34 -0.47
CA PHE B 328 35.78 -27.70 0.78
C PHE B 328 36.20 -28.79 1.77
N LEU B 329 35.35 -29.81 1.95
CA LEU B 329 35.57 -30.87 2.97
C LEU B 329 36.82 -31.68 2.60
N LYS B 330 37.08 -31.88 1.30
CA LYS B 330 38.30 -32.57 0.84
C LYS B 330 39.53 -31.77 1.28
N VAL B 331 39.47 -30.43 1.17
CA VAL B 331 40.58 -29.51 1.54
C VAL B 331 40.69 -29.46 3.07
N TYR B 332 39.57 -29.54 3.78
CA TYR B 332 39.54 -29.57 5.27
C TYR B 332 40.20 -30.85 5.76
N GLU B 333 39.95 -31.98 5.08
CA GLU B 333 40.49 -33.31 5.44
C GLU B 333 42.02 -33.27 5.26
N LYS B 334 42.49 -32.75 4.13
CA LYS B 334 43.93 -32.61 3.83
C LYS B 334 44.63 -31.88 4.99
N HIS B 335 43.97 -30.92 5.65
CA HIS B 335 44.57 -30.06 6.70
C HIS B 335 44.17 -30.50 8.13
N SER B 336 43.57 -31.69 8.30
CA SER B 336 43.01 -32.13 9.62
C SER B 336 44.00 -33.04 10.35
N THR C 9 -3.03 7.76 -24.20
CA THR C 9 -2.59 9.17 -23.96
C THR C 9 -1.37 9.14 -23.03
N ASP C 10 -0.72 10.29 -22.81
CA ASP C 10 0.37 10.43 -21.80
C ASP C 10 -0.28 10.76 -20.46
N VAL C 11 0.24 10.18 -19.38
CA VAL C 11 -0.40 10.23 -18.03
C VAL C 11 -0.29 11.67 -17.50
N ASN C 12 -1.43 12.27 -17.22
CA ASN C 12 -1.50 13.62 -16.61
C ASN C 12 -1.82 13.40 -15.13
N THR C 13 -0.87 13.76 -14.29
CA THR C 13 -0.95 13.69 -12.82
C THR C 13 -1.27 15.09 -12.30
N LEU C 14 -1.64 15.18 -11.01
CA LEU C 14 -1.85 16.49 -10.38
C LEU C 14 -0.55 17.27 -10.44
N THR C 15 0.60 16.66 -10.16
CA THR C 15 1.88 17.42 -10.08
C THR C 15 2.21 18.04 -11.45
N ARG C 16 2.08 17.29 -12.54
CA ARG C 16 2.36 17.79 -13.90
C ARG C 16 1.40 18.94 -14.23
N PHE C 17 0.14 18.83 -13.79
CA PHE C 17 -0.97 19.78 -14.09
C PHE C 17 -0.74 21.14 -13.42
N VAL C 18 -0.45 21.11 -12.13
CA VAL C 18 -0.28 22.34 -11.30
C VAL C 18 1.00 23.05 -11.73
N MET C 19 2.03 22.30 -12.15
CA MET C 19 3.28 22.84 -12.72
C MET C 19 3.04 23.49 -14.10
N GLU C 20 2.22 22.86 -14.94
CA GLU C 20 1.98 23.31 -16.33
C GLU C 20 1.14 24.58 -16.25
N GLU C 21 0.17 24.64 -15.35
CA GLU C 21 -0.75 25.80 -15.22
C GLU C 21 0.04 27.02 -14.71
N GLY C 22 0.91 26.83 -13.71
CA GLY C 22 1.77 27.89 -13.17
C GLY C 22 2.82 28.35 -14.17
N ARG C 23 3.33 27.43 -15.00
CA ARG C 23 4.37 27.75 -16.01
C ARG C 23 3.72 28.56 -17.14
N LYS C 24 2.49 28.22 -17.55
CA LYS C 24 1.75 28.95 -18.61
C LYS C 24 1.30 30.30 -18.07
N ALA C 25 1.00 30.40 -16.78
CA ALA C 25 0.62 31.67 -16.11
C ALA C 25 1.88 32.42 -15.68
N ARG C 26 3.06 31.84 -15.93
CA ARG C 26 4.37 32.47 -15.65
C ARG C 26 4.32 33.01 -14.22
N GLY C 27 3.87 32.16 -13.30
CA GLY C 27 3.67 32.53 -11.89
C GLY C 27 4.91 32.22 -11.09
N THR C 28 4.95 32.71 -9.85
CA THR C 28 6.07 32.51 -8.90
C THR C 28 6.29 31.02 -8.68
N GLY C 29 5.21 30.27 -8.40
CA GLY C 29 5.27 28.84 -8.00
C GLY C 29 4.73 28.61 -6.60
N GLU C 30 4.23 29.65 -5.95
CA GLU C 30 3.66 29.55 -4.59
C GLU C 30 2.28 28.87 -4.63
N LEU C 31 1.43 29.18 -5.62
CA LEU C 31 0.12 28.49 -5.74
C LEU C 31 0.37 27.00 -6.02
N THR C 32 1.38 26.69 -6.84
CA THR C 32 1.73 25.31 -7.22
C THR C 32 2.21 24.57 -5.97
N GLN C 33 3.10 25.18 -5.20
CA GLN C 33 3.68 24.57 -3.97
C GLN C 33 2.62 24.34 -2.90
N LEU C 34 1.64 25.23 -2.79
CA LEU C 34 0.49 25.12 -1.84
C LEU C 34 -0.28 23.85 -2.17
N LEU C 35 -0.67 23.70 -3.43
CA LEU C 35 -1.54 22.60 -3.91
C LEU C 35 -0.75 21.28 -3.84
N ASN C 36 0.54 21.31 -4.13
CA ASN C 36 1.38 20.09 -4.01
C ASN C 36 1.40 19.70 -2.53
N SER C 37 1.65 20.67 -1.64
CA SER C 37 1.77 20.47 -0.17
C SER C 37 0.43 19.96 0.39
N LEU C 38 -0.67 20.51 -0.10
CA LEU C 38 -2.05 20.14 0.32
C LEU C 38 -2.36 18.70 -0.10
N CYS C 39 -1.88 18.27 -1.27
CA CYS C 39 -2.20 16.93 -1.84
C CYS C 39 -1.35 15.84 -1.16
N THR C 40 -0.15 16.17 -0.70
CA THR C 40 0.69 15.28 0.16
C THR C 40 -0.03 15.03 1.49
N ALA C 41 -0.73 16.04 2.01
CA ALA C 41 -1.55 15.91 3.23
C ALA C 41 -2.80 15.05 2.94
N VAL C 42 -3.45 15.30 1.81
CA VAL C 42 -4.63 14.49 1.38
C VAL C 42 -4.26 13.00 1.24
N LYS C 43 -3.07 12.69 0.72
CA LYS C 43 -2.56 11.29 0.59
C LYS C 43 -2.41 10.69 1.99
N ALA C 44 -1.89 11.45 2.94
CA ALA C 44 -1.65 11.00 4.33
C ALA C 44 -2.97 10.85 5.08
N ILE C 45 -3.94 11.73 4.86
CA ILE C 45 -5.31 11.60 5.44
C ILE C 45 -5.94 10.31 4.92
N SER C 46 -5.78 10.01 3.64
CA SER C 46 -6.40 8.86 2.95
C SER C 46 -5.82 7.55 3.52
N SER C 47 -4.52 7.48 3.74
CA SER C 47 -3.85 6.31 4.37
C SER C 47 -4.48 6.06 5.75
N ALA C 48 -4.57 7.13 6.56
CA ALA C 48 -5.11 7.09 7.93
C ALA C 48 -6.60 6.72 7.95
N VAL C 49 -7.40 7.29 7.03
CA VAL C 49 -8.87 7.01 6.91
C VAL C 49 -9.08 5.54 6.54
N ARG C 50 -8.29 4.99 5.62
CA ARG C 50 -8.35 3.56 5.20
C ARG C 50 -7.72 2.64 6.26
N LYS C 51 -7.19 3.18 7.36
CA LYS C 51 -6.82 2.45 8.60
C LYS C 51 -5.54 1.63 8.39
N ALA C 52 -4.51 2.23 7.81
CA ALA C 52 -3.17 1.60 7.68
C ALA C 52 -2.46 1.71 9.03
N GLY C 53 -2.15 0.58 9.65
CA GLY C 53 -1.51 0.55 10.98
C GLY C 53 -2.49 0.15 12.06
N ILE C 54 -3.77 -0.08 11.76
CA ILE C 54 -4.79 -0.38 12.81
C ILE C 54 -4.34 -1.62 13.62
N ALA C 55 -3.61 -2.57 13.01
CA ALA C 55 -3.06 -3.76 13.72
C ALA C 55 -2.18 -3.32 14.89
N HIS C 56 -1.49 -2.17 14.80
CA HIS C 56 -0.59 -1.67 15.88
C HIS C 56 -1.41 -1.03 17.00
N LEU C 57 -2.63 -0.60 16.71
CA LEU C 57 -3.53 -0.11 17.77
C LEU C 57 -4.19 -1.28 18.51
N TYR C 58 -4.10 -2.49 17.96
CA TYR C 58 -4.84 -3.66 18.46
C TYR C 58 -3.87 -4.76 18.88
N GLY C 59 -2.56 -4.48 18.95
CA GLY C 59 -1.56 -5.30 19.67
C GLY C 59 -0.86 -6.33 18.80
N ILE C 60 -0.58 -6.01 17.54
CA ILE C 60 0.19 -6.94 16.66
C ILE C 60 1.57 -7.15 17.29
N ALA C 61 2.14 -6.12 17.91
CA ALA C 61 3.50 -6.16 18.49
C ALA C 61 3.43 -6.13 20.02
N GLY C 62 2.23 -6.20 20.60
CA GLY C 62 2.05 -6.32 22.07
C GLY C 62 1.31 -5.15 22.70
N SER C 63 1.21 -4.00 22.02
CA SER C 63 0.54 -2.78 22.56
C SER C 63 -0.93 -2.70 22.09
N LYS C 73 -8.88 10.84 17.05
CA LYS C 73 -7.63 11.47 16.61
C LYS C 73 -7.65 11.77 15.09
N LEU C 74 -8.46 11.07 14.28
CA LEU C 74 -8.45 11.21 12.78
C LEU C 74 -8.74 12.66 12.35
N ASP C 75 -9.76 13.26 12.95
CA ASP C 75 -10.11 14.70 12.86
C ASP C 75 -8.88 15.57 13.14
N VAL C 76 -8.20 15.30 14.24
CA VAL C 76 -7.07 16.14 14.74
C VAL C 76 -5.85 15.89 13.83
N LEU C 77 -5.55 14.62 13.53
CA LEU C 77 -4.40 14.26 12.67
C LEU C 77 -4.57 14.92 11.30
N SER C 78 -5.75 14.81 10.70
CA SER C 78 -6.09 15.46 9.40
C SER C 78 -5.78 16.97 9.44
N ASN C 79 -6.20 17.64 10.53
CA ASN C 79 -5.93 19.09 10.75
C ASN C 79 -4.43 19.31 10.88
N ASP C 80 -3.75 18.46 11.65
CA ASP C 80 -2.30 18.61 11.94
C ASP C 80 -1.51 18.39 10.66
N LEU C 81 -1.94 17.43 9.84
CA LEU C 81 -1.33 17.15 8.50
C LEU C 81 -1.48 18.35 7.55
N VAL C 82 -2.72 18.83 7.33
CA VAL C 82 -2.97 20.03 6.46
C VAL C 82 -2.23 21.26 7.03
N MET C 83 -2.38 21.55 8.33
CA MET C 83 -1.72 22.71 9.00
C MET C 83 -0.20 22.68 8.73
N ASN C 84 0.45 21.58 9.10
CA ASN C 84 1.92 21.48 9.00
C ASN C 84 2.34 21.57 7.53
N MET C 85 1.59 20.94 6.64
CA MET C 85 1.99 20.85 5.22
C MET C 85 1.88 22.22 4.56
N LEU C 86 0.91 23.02 4.98
CA LEU C 86 0.68 24.38 4.42
C LEU C 86 1.65 25.38 5.04
N LYS C 87 1.92 25.28 6.34
CA LYS C 87 2.91 26.16 7.01
C LYS C 87 4.32 25.96 6.43
N SER C 88 4.71 24.73 6.09
CA SER C 88 6.04 24.42 5.47
C SER C 88 6.05 24.66 3.95
N SER C 89 4.93 25.11 3.38
CA SER C 89 4.80 25.44 1.93
C SER C 89 5.52 26.76 1.60
N PHE C 90 5.70 27.64 2.60
CA PHE C 90 6.24 29.02 2.45
C PHE C 90 5.36 29.77 1.46
N ALA C 91 4.05 29.56 1.53
CA ALA C 91 3.06 30.06 0.54
C ALA C 91 1.72 30.45 1.19
N THR C 92 1.60 30.33 2.52
CA THR C 92 0.39 30.70 3.29
C THR C 92 0.74 31.76 4.34
N CYS C 93 -0.22 32.62 4.69
CA CYS C 93 -0.05 33.64 5.76
C CYS C 93 -1.10 33.44 6.87
N VAL C 94 -2.32 33.08 6.49
CA VAL C 94 -3.44 32.87 7.46
C VAL C 94 -4.11 31.55 7.11
N LEU C 95 -4.41 30.73 8.11
CA LEU C 95 -5.03 29.39 7.92
C LEU C 95 -6.26 29.29 8.83
N VAL C 96 -7.42 28.95 8.25
CA VAL C 96 -8.70 28.81 9.00
C VAL C 96 -9.20 27.37 8.90
N SER C 97 -9.36 26.71 10.04
CA SER C 97 -9.78 25.28 10.13
C SER C 97 -11.03 25.13 10.99
N GLU C 98 -11.96 24.27 10.57
CA GLU C 98 -13.14 23.92 11.40
C GLU C 98 -12.68 23.55 12.81
N GLU C 99 -11.49 22.95 12.92
CA GLU C 99 -10.91 22.39 14.18
C GLU C 99 -10.39 23.50 15.08
N ASP C 100 -9.80 24.55 14.50
CA ASP C 100 -9.19 25.68 15.27
C ASP C 100 -10.19 26.83 15.35
N LYS C 101 -10.51 27.26 16.58
CA LYS C 101 -11.55 28.29 16.88
C LYS C 101 -11.08 29.66 16.40
N HIS C 102 -9.78 29.82 16.25
CA HIS C 102 -9.15 31.06 15.75
C HIS C 102 -8.32 30.75 14.51
N ALA C 103 -8.12 31.76 13.66
CA ALA C 103 -7.22 31.64 12.50
C ALA C 103 -5.82 31.39 13.04
N ILE C 104 -5.02 30.66 12.27
CA ILE C 104 -3.58 30.50 12.57
C ILE C 104 -2.88 31.55 11.73
N ILE C 105 -2.05 32.37 12.36
CA ILE C 105 -1.15 33.28 11.63
C ILE C 105 0.18 32.55 11.53
N VAL C 106 0.62 32.28 10.30
CA VAL C 106 1.86 31.50 10.02
C VAL C 106 3.06 32.36 10.45
N GLU C 107 4.03 31.77 11.16
CA GLU C 107 5.27 32.46 11.56
C GLU C 107 5.83 33.23 10.35
N PRO C 108 6.32 34.47 10.57
CA PRO C 108 6.89 35.32 9.53
C PRO C 108 7.86 34.72 8.50
N GLU C 109 8.71 33.80 8.95
CA GLU C 109 9.81 33.21 8.14
C GLU C 109 9.26 32.16 7.19
N LYS C 110 8.06 31.62 7.46
CA LYS C 110 7.42 30.58 6.62
C LYS C 110 6.16 31.15 5.97
N ARG C 111 6.12 32.46 5.73
CA ARG C 111 4.88 33.14 5.29
C ARG C 111 4.85 33.28 3.77
N GLY C 112 3.66 33.21 3.20
CA GLY C 112 3.41 33.41 1.76
C GLY C 112 2.17 34.25 1.56
N LYS C 113 1.71 34.38 0.31
CA LYS C 113 0.72 35.41 -0.07
C LYS C 113 -0.71 34.88 -0.02
N TYR C 114 -0.92 33.59 0.30
CA TYR C 114 -2.26 32.96 0.17
C TYR C 114 -2.84 32.69 1.57
N VAL C 115 -4.15 32.88 1.65
CA VAL C 115 -4.97 32.55 2.84
C VAL C 115 -5.74 31.27 2.50
N VAL C 116 -5.72 30.25 3.38
CA VAL C 116 -6.38 28.95 3.08
C VAL C 116 -7.42 28.68 4.16
N CYS C 117 -8.68 28.53 3.77
CA CYS C 117 -9.81 28.12 4.63
C CYS C 117 -10.12 26.63 4.34
N PHE C 118 -10.01 25.75 5.34
CA PHE C 118 -10.13 24.28 5.09
C PHE C 118 -10.95 23.55 6.17
N ASP C 119 -11.59 22.46 5.75
CA ASP C 119 -12.29 21.48 6.61
C ASP C 119 -11.56 20.13 6.50
N PRO C 120 -10.79 19.74 7.52
CA PRO C 120 -9.87 18.61 7.40
C PRO C 120 -10.51 17.25 7.10
N LEU C 121 -11.55 16.87 7.86
CA LEU C 121 -12.24 15.57 7.71
C LEU C 121 -13.75 15.77 7.88
N ASP C 122 -14.39 16.38 6.89
CA ASP C 122 -15.85 16.62 6.88
C ASP C 122 -16.57 15.26 6.88
N GLY C 123 -17.55 15.10 7.77
CA GLY C 123 -18.35 13.86 7.94
C GLY C 123 -17.86 12.96 9.06
N SER C 124 -16.67 13.22 9.64
CA SER C 124 -15.99 12.41 10.69
C SER C 124 -16.92 12.19 11.90
N SER C 125 -17.99 12.98 12.05
CA SER C 125 -19.05 12.78 13.06
C SER C 125 -19.54 11.33 12.98
N ASN C 126 -19.90 10.86 11.78
CA ASN C 126 -20.39 9.48 11.53
C ASN C 126 -19.33 8.66 10.76
N ILE C 127 -18.08 8.64 11.23
CA ILE C 127 -16.97 7.88 10.59
C ILE C 127 -16.91 6.48 11.19
N ASP C 128 -17.64 6.24 12.30
CA ASP C 128 -17.73 4.90 12.93
C ASP C 128 -18.48 3.94 12.01
N CYS C 129 -19.37 4.43 11.14
CA CYS C 129 -20.12 3.58 10.17
C CYS C 129 -19.31 3.49 8.87
N LEU C 130 -18.11 4.06 8.83
CA LEU C 130 -17.19 4.01 7.66
C LEU C 130 -17.88 4.67 6.45
N VAL C 131 -18.60 5.75 6.71
CA VAL C 131 -19.24 6.55 5.62
C VAL C 131 -18.19 7.47 4.99
N SER C 132 -18.34 7.73 3.69
CA SER C 132 -17.44 8.60 2.90
C SER C 132 -17.18 9.91 3.67
N VAL C 133 -15.91 10.29 3.76
CA VAL C 133 -15.48 11.54 4.45
C VAL C 133 -14.69 12.37 3.46
N GLY C 134 -14.31 13.61 3.82
CA GLY C 134 -13.61 14.46 2.84
C GLY C 134 -12.78 15.57 3.45
N THR C 135 -11.95 16.17 2.61
CA THR C 135 -11.18 17.37 2.95
C THR C 135 -11.65 18.48 2.01
N ILE C 136 -12.32 19.52 2.53
CA ILE C 136 -12.79 20.70 1.72
C ILE C 136 -11.80 21.85 1.93
N PHE C 137 -11.40 22.54 0.86
CA PHE C 137 -10.40 23.64 0.89
C PHE C 137 -10.82 24.78 -0.04
N GLY C 138 -10.32 25.98 0.29
CA GLY C 138 -10.51 27.20 -0.50
C GLY C 138 -9.31 28.10 -0.30
N ILE C 139 -8.79 28.68 -1.38
CA ILE C 139 -7.55 29.52 -1.36
C ILE C 139 -7.94 30.94 -1.79
N TYR C 140 -7.50 31.92 -1.00
CA TYR C 140 -7.65 33.37 -1.26
C TYR C 140 -6.26 33.97 -1.28
N ARG C 141 -6.14 35.18 -1.82
CA ARG C 141 -4.89 35.98 -1.73
C ARG C 141 -5.07 37.05 -0.67
N LYS C 142 -4.02 37.35 0.10
CA LYS C 142 -4.07 38.50 1.03
C LYS C 142 -4.09 39.76 0.16
N LYS C 143 -5.22 40.47 0.16
CA LYS C 143 -5.42 41.73 -0.63
C LYS C 143 -5.03 42.93 0.25
N SER C 144 -5.12 42.77 1.57
CA SER C 144 -4.82 43.82 2.57
C SER C 144 -3.31 44.07 2.64
N THR C 145 -2.95 45.25 3.15
CA THR C 145 -1.54 45.72 3.28
C THR C 145 -1.12 45.64 4.74
N ASP C 146 -2.05 45.25 5.63
CA ASP C 146 -1.84 45.15 7.10
C ASP C 146 -1.11 43.84 7.41
N GLU C 147 -0.84 43.59 8.69
CA GLU C 147 -0.19 42.34 9.15
C GLU C 147 -1.22 41.24 8.96
N PRO C 148 -0.82 40.00 8.61
CA PRO C 148 -1.73 38.86 8.58
C PRO C 148 -2.66 38.79 9.79
N SER C 149 -3.97 38.75 9.55
CA SER C 149 -5.01 38.67 10.59
C SER C 149 -6.19 37.82 10.09
N GLU C 150 -7.10 37.42 10.99
CA GLU C 150 -8.36 36.73 10.65
C GLU C 150 -9.13 37.49 9.56
N LYS C 151 -8.92 38.81 9.48
CA LYS C 151 -9.72 39.68 8.55
C LYS C 151 -9.37 39.31 7.11
N ASP C 152 -8.12 38.88 6.87
CA ASP C 152 -7.66 38.47 5.50
C ASP C 152 -8.45 37.23 5.04
N ALA C 153 -9.13 36.53 5.95
CA ALA C 153 -9.90 35.30 5.66
C ALA C 153 -11.39 35.59 5.47
N LEU C 154 -11.85 36.80 5.83
CA LEU C 154 -13.29 37.17 5.77
C LEU C 154 -13.66 37.72 4.38
N GLN C 155 -13.03 37.20 3.33
CA GLN C 155 -13.29 37.61 1.92
C GLN C 155 -14.47 36.81 1.39
N PRO C 156 -15.34 37.42 0.55
CA PRO C 156 -16.39 36.66 -0.13
C PRO C 156 -15.79 35.63 -1.10
N GLY C 157 -16.54 34.56 -1.35
CA GLY C 157 -16.14 33.46 -2.25
C GLY C 157 -15.78 33.92 -3.66
N ARG C 158 -16.37 35.03 -4.13
CA ARG C 158 -16.04 35.70 -5.41
C ARG C 158 -14.52 35.85 -5.57
N ASN C 159 -13.80 36.08 -4.47
CA ASN C 159 -12.34 36.37 -4.52
C ASN C 159 -11.49 35.10 -4.44
N LEU C 160 -12.11 33.90 -4.49
CA LEU C 160 -11.36 32.61 -4.40
C LEU C 160 -10.45 32.48 -5.61
N VAL C 161 -9.18 32.18 -5.38
CA VAL C 161 -8.18 31.86 -6.45
C VAL C 161 -8.43 30.43 -6.94
N ALA C 162 -8.68 29.52 -5.99
CA ALA C 162 -8.86 28.08 -6.22
C ALA C 162 -9.65 27.46 -5.08
N ALA C 163 -10.29 26.33 -5.34
CA ALA C 163 -11.09 25.62 -4.34
C ALA C 163 -11.21 24.16 -4.76
N GLY C 164 -11.81 23.33 -3.90
CA GLY C 164 -12.03 21.92 -4.21
C GLY C 164 -12.09 21.04 -2.98
N TYR C 165 -12.10 19.74 -3.19
CA TYR C 165 -12.35 18.77 -2.10
C TYR C 165 -11.59 17.49 -2.43
N ALA C 166 -11.27 16.72 -1.41
CA ALA C 166 -10.79 15.33 -1.53
C ALA C 166 -11.89 14.42 -0.99
N LEU C 167 -12.29 13.43 -1.78
CA LEU C 167 -13.29 12.43 -1.35
C LEU C 167 -12.52 11.15 -0.99
N TYR C 168 -12.72 10.66 0.23
CA TYR C 168 -12.24 9.33 0.72
C TYR C 168 -13.47 8.43 0.71
N GLY C 169 -13.95 8.07 -0.49
CA GLY C 169 -15.09 7.15 -0.69
C GLY C 169 -14.60 5.77 -1.03
N SER C 170 -15.20 5.16 -2.05
CA SER C 170 -14.80 3.82 -2.55
C SER C 170 -13.35 3.90 -3.06
N ALA C 171 -13.00 5.03 -3.67
CA ALA C 171 -11.59 5.38 -3.95
C ALA C 171 -11.37 6.82 -3.50
N THR C 172 -10.13 7.31 -3.49
CA THR C 172 -9.84 8.71 -3.11
C THR C 172 -9.70 9.56 -4.37
N MET C 173 -10.40 10.69 -4.44
CA MET C 173 -10.37 11.63 -5.60
C MET C 173 -10.21 13.06 -5.10
N LEU C 174 -9.30 13.82 -5.71
CA LEU C 174 -9.20 15.28 -5.48
C LEU C 174 -9.84 16.04 -6.64
N VAL C 175 -10.81 16.88 -6.32
CA VAL C 175 -11.45 17.78 -7.32
C VAL C 175 -10.79 19.15 -7.17
N LEU C 176 -10.09 19.60 -8.20
CA LEU C 176 -9.43 20.93 -8.20
C LEU C 176 -10.20 21.87 -9.12
N ALA C 177 -10.81 22.91 -8.54
CA ALA C 177 -11.55 23.95 -9.29
C ALA C 177 -10.67 25.19 -9.30
N MET C 178 -10.41 25.74 -10.50
CA MET C 178 -9.66 26.98 -10.71
C MET C 178 -10.32 27.72 -11.86
N ASP C 179 -9.66 28.72 -12.45
CA ASP C 179 -10.26 29.49 -13.59
C ASP C 179 -10.16 28.68 -14.89
N CYS C 180 -9.26 27.71 -14.96
CA CYS C 180 -9.16 26.74 -16.11
C CYS C 180 -10.38 25.80 -16.14
N GLY C 181 -11.05 25.59 -14.99
CA GLY C 181 -12.22 24.69 -14.89
C GLY C 181 -12.08 23.76 -13.70
N VAL C 182 -12.92 22.73 -13.66
CA VAL C 182 -12.91 21.73 -12.56
C VAL C 182 -12.22 20.48 -13.09
N ASN C 183 -11.22 20.00 -12.36
CA ASN C 183 -10.41 18.83 -12.79
C ASN C 183 -10.46 17.79 -11.67
N CYS C 184 -10.69 16.54 -12.06
CA CYS C 184 -10.90 15.40 -11.13
C CYS C 184 -9.70 14.45 -11.25
N PHE C 185 -9.05 14.15 -10.12
CA PHE C 185 -7.81 13.32 -10.07
C PHE C 185 -8.00 12.14 -9.10
N MET C 186 -7.82 10.91 -9.58
CA MET C 186 -7.94 9.69 -8.75
C MET C 186 -6.59 9.36 -8.12
N LEU C 187 -6.57 9.08 -6.82
CA LEU C 187 -5.36 8.59 -6.12
C LEU C 187 -5.12 7.14 -6.53
N ASP C 188 -3.95 6.87 -7.08
CA ASP C 188 -3.45 5.49 -7.27
C ASP C 188 -2.64 5.15 -6.03
N PRO C 189 -3.19 4.38 -5.06
CA PRO C 189 -2.49 4.07 -3.81
C PRO C 189 -1.17 3.34 -4.04
N ALA C 190 -1.01 2.66 -5.19
CA ALA C 190 0.19 1.86 -5.51
C ALA C 190 1.42 2.77 -5.73
N ILE C 191 1.23 3.96 -6.28
CA ILE C 191 2.36 4.90 -6.57
C ILE C 191 2.19 6.24 -5.85
N GLY C 192 1.04 6.48 -5.21
CA GLY C 192 0.74 7.77 -4.55
C GLY C 192 0.71 8.92 -5.53
N GLU C 193 0.07 8.72 -6.68
CA GLU C 193 -0.10 9.78 -7.71
C GLU C 193 -1.60 10.00 -7.94
N PHE C 194 -1.99 11.26 -8.10
CA PHE C 194 -3.38 11.66 -8.42
C PHE C 194 -3.50 11.75 -9.94
N ILE C 195 -4.18 10.82 -10.58
CA ILE C 195 -4.22 10.70 -12.07
C ILE C 195 -5.43 11.45 -12.56
N LEU C 196 -5.26 12.43 -13.46
CA LEU C 196 -6.40 13.17 -14.07
C LEU C 196 -7.29 12.18 -14.85
N VAL C 197 -8.51 11.95 -14.39
CA VAL C 197 -9.40 10.93 -14.97
C VAL C 197 -10.58 11.64 -15.65
N ASP C 198 -10.83 12.90 -15.30
CA ASP C 198 -11.96 13.71 -15.83
C ASP C 198 -11.55 15.18 -15.92
N LYS C 199 -11.45 15.70 -17.14
CA LYS C 199 -10.90 17.04 -17.45
C LYS C 199 -12.07 18.00 -17.70
N ASP C 200 -11.94 19.26 -17.26
CA ASP C 200 -12.90 20.37 -17.50
C ASP C 200 -14.32 19.83 -17.34
N VAL C 201 -14.66 19.32 -16.16
CA VAL C 201 -15.98 18.66 -15.96
C VAL C 201 -17.05 19.75 -15.83
N LYS C 202 -18.27 19.46 -16.29
CA LYS C 202 -19.42 20.39 -16.24
C LYS C 202 -20.61 19.64 -15.68
N ILE C 203 -21.49 20.33 -14.96
CA ILE C 203 -22.69 19.70 -14.34
C ILE C 203 -23.83 19.70 -15.35
N LYS C 204 -24.70 18.70 -15.23
CA LYS C 204 -25.95 18.60 -16.05
C LYS C 204 -26.81 19.84 -15.77
N LYS C 205 -27.54 20.34 -16.78
CA LYS C 205 -28.41 21.55 -16.63
C LYS C 205 -29.54 21.18 -15.68
N LYS C 206 -30.03 19.95 -15.75
CA LYS C 206 -31.09 19.44 -14.84
C LYS C 206 -30.81 17.97 -14.50
N GLY C 207 -30.86 17.65 -13.21
CA GLY C 207 -30.66 16.27 -12.72
C GLY C 207 -31.98 15.65 -12.32
N LYS C 208 -31.91 14.52 -11.61
CA LYS C 208 -33.06 13.71 -11.17
C LYS C 208 -32.84 13.16 -9.76
N ILE C 209 -31.94 13.77 -8.98
CA ILE C 209 -31.70 13.37 -7.56
C ILE C 209 -31.82 14.60 -6.67
N TYR C 210 -32.49 14.47 -5.51
CA TYR C 210 -32.59 15.53 -4.46
C TYR C 210 -31.97 14.99 -3.17
N SER C 211 -31.27 15.85 -2.43
CA SER C 211 -30.48 15.47 -1.23
C SER C 211 -30.66 16.52 -0.12
N LEU C 212 -31.25 16.09 0.99
CA LEU C 212 -31.40 16.89 2.25
C LEU C 212 -31.84 15.94 3.39
N ASN C 213 -31.55 16.30 4.64
CA ASN C 213 -32.13 15.57 5.82
C ASN C 213 -33.62 15.93 5.91
N GLU C 214 -34.51 15.00 5.55
CA GLU C 214 -35.98 15.18 5.69
C GLU C 214 -36.44 14.89 7.12
N GLY C 215 -35.52 14.75 8.07
CA GLY C 215 -35.85 14.63 9.50
C GLY C 215 -36.15 15.98 10.10
N TYR C 216 -35.68 17.06 9.45
CA TYR C 216 -36.00 18.46 9.83
C TYR C 216 -37.30 18.93 9.16
N ALA C 217 -38.20 18.01 8.82
CA ALA C 217 -39.44 18.31 8.06
C ALA C 217 -40.27 19.33 8.83
N ARG C 218 -40.60 19.06 10.11
CA ARG C 218 -41.48 19.92 10.94
C ARG C 218 -40.82 21.29 11.15
N ASP C 219 -39.52 21.45 10.84
CA ASP C 219 -38.76 22.69 11.12
C ASP C 219 -38.45 23.42 9.81
N PHE C 220 -38.87 22.88 8.66
CA PHE C 220 -38.47 23.43 7.32
C PHE C 220 -39.18 24.75 7.01
N ASP C 221 -38.55 25.55 6.14
CA ASP C 221 -39.20 26.72 5.47
C ASP C 221 -40.31 26.23 4.55
N PRO C 222 -41.50 26.88 4.53
CA PRO C 222 -42.56 26.58 3.57
C PRO C 222 -42.10 26.34 2.12
N ALA C 223 -41.08 27.09 1.66
CA ALA C 223 -40.52 27.02 0.29
C ALA C 223 -39.79 25.68 0.08
N VAL C 224 -39.00 25.25 1.05
CA VAL C 224 -38.32 23.94 1.01
C VAL C 224 -39.40 22.86 0.96
N THR C 225 -40.37 22.91 1.88
CA THR C 225 -41.44 21.90 2.00
C THR C 225 -42.11 21.70 0.63
N GLU C 226 -42.40 22.81 -0.07
CA GLU C 226 -43.08 22.77 -1.41
C GLU C 226 -42.16 22.12 -2.44
N TYR C 227 -40.94 22.64 -2.60
CA TYR C 227 -39.96 22.12 -3.60
C TYR C 227 -39.79 20.61 -3.42
N ILE C 228 -39.68 20.14 -2.17
CA ILE C 228 -39.48 18.70 -1.88
C ILE C 228 -40.70 17.93 -2.37
N GLN C 229 -41.92 18.44 -2.10
CA GLN C 229 -43.18 17.77 -2.50
C GLN C 229 -43.32 17.79 -4.02
N ARG C 230 -42.73 18.78 -4.69
CA ARG C 230 -42.75 18.87 -6.18
C ARG C 230 -41.84 17.79 -6.80
N LYS C 231 -40.86 17.29 -6.06
CA LYS C 231 -39.94 16.26 -6.58
C LYS C 231 -40.58 14.90 -6.29
N LYS C 232 -41.12 14.74 -5.07
CA LYS C 232 -41.81 13.48 -4.69
C LYS C 232 -43.09 13.32 -5.53
N PHE C 233 -43.96 14.33 -5.51
CA PHE C 233 -45.26 14.34 -6.25
C PHE C 233 -45.19 15.36 -7.39
N PRO C 234 -44.60 15.01 -8.56
CA PRO C 234 -44.38 15.98 -9.63
C PRO C 234 -45.68 16.57 -10.13
N PRO C 235 -45.83 17.91 -10.12
CA PRO C 235 -47.05 18.54 -10.64
C PRO C 235 -47.16 18.44 -12.17
N ASP C 236 -46.02 18.47 -12.89
CA ASP C 236 -45.95 18.44 -14.38
C ASP C 236 -46.07 17.00 -14.90
N ASN C 237 -46.62 16.08 -14.10
CA ASN C 237 -46.78 14.65 -14.46
C ASN C 237 -45.46 14.07 -14.96
N SER C 238 -44.32 14.57 -14.44
CA SER C 238 -42.96 14.06 -14.77
C SER C 238 -42.65 12.87 -13.86
N ALA C 239 -41.43 12.37 -13.95
CA ALA C 239 -40.95 11.25 -13.12
C ALA C 239 -40.58 11.79 -11.74
N PRO C 240 -41.04 11.14 -10.65
CA PRO C 240 -40.62 11.55 -9.31
C PRO C 240 -39.08 11.44 -9.23
N TYR C 241 -38.44 12.43 -8.63
CA TYR C 241 -36.97 12.42 -8.38
C TYR C 241 -36.59 11.28 -7.43
N GLY C 242 -35.33 10.86 -7.47
CA GLY C 242 -34.74 9.93 -6.49
C GLY C 242 -34.16 10.71 -5.32
N ALA C 243 -34.24 10.15 -4.12
CA ALA C 243 -33.64 10.74 -2.90
C ALA C 243 -32.31 10.03 -2.61
N ARG C 244 -31.28 10.79 -2.31
CA ARG C 244 -29.98 10.30 -1.77
C ARG C 244 -29.46 11.31 -0.75
N TYR C 245 -29.18 10.87 0.48
CA TYR C 245 -28.53 11.71 1.53
C TYR C 245 -27.55 10.85 2.34
N VAL C 246 -26.25 11.05 2.09
CA VAL C 246 -25.14 10.28 2.72
C VAL C 246 -24.91 10.80 4.13
N GLY C 247 -25.02 12.12 4.33
CA GLY C 247 -24.69 12.79 5.60
C GLY C 247 -23.28 13.36 5.60
N SER C 248 -22.55 13.21 4.50
CA SER C 248 -21.21 13.84 4.28
C SER C 248 -21.28 14.75 3.05
N MET C 249 -21.07 16.04 3.23
CA MET C 249 -21.25 17.06 2.17
C MET C 249 -20.35 16.70 0.97
N VAL C 250 -19.13 16.23 1.22
CA VAL C 250 -18.15 15.94 0.12
C VAL C 250 -18.76 14.86 -0.81
N ALA C 251 -19.41 13.86 -0.22
CA ALA C 251 -20.01 12.71 -0.93
C ALA C 251 -21.26 13.15 -1.68
N ASP C 252 -22.14 13.88 -0.98
CA ASP C 252 -23.45 14.34 -1.52
C ASP C 252 -23.21 15.33 -2.67
N VAL C 253 -22.29 16.27 -2.49
CA VAL C 253 -21.93 17.31 -3.51
C VAL C 253 -21.19 16.64 -4.66
N HIS C 254 -20.34 15.63 -4.41
CA HIS C 254 -19.62 14.93 -5.51
C HIS C 254 -20.65 14.21 -6.41
N ARG C 255 -21.60 13.49 -5.83
CA ARG C 255 -22.67 12.81 -6.60
C ARG C 255 -23.47 13.87 -7.35
N THR C 256 -23.64 15.07 -6.79
CA THR C 256 -24.40 16.16 -7.47
C THR C 256 -23.63 16.60 -8.73
N LEU C 257 -22.30 16.58 -8.70
CA LEU C 257 -21.43 17.01 -9.84
C LEU C 257 -21.37 15.94 -10.91
N VAL C 258 -21.42 14.67 -10.51
CA VAL C 258 -21.21 13.49 -11.41
C VAL C 258 -22.55 13.16 -12.06
N TYR C 259 -23.63 13.11 -11.28
CA TYR C 259 -24.96 12.58 -11.71
C TYR C 259 -25.93 13.75 -11.92
N GLY C 260 -25.70 14.87 -11.25
CA GLY C 260 -26.59 16.03 -11.33
C GLY C 260 -27.63 15.97 -10.23
N GLY C 261 -28.49 16.99 -10.19
CA GLY C 261 -29.56 17.11 -9.18
C GLY C 261 -29.29 18.26 -8.21
N ILE C 262 -29.74 18.11 -6.97
CA ILE C 262 -29.76 19.27 -6.04
C ILE C 262 -29.40 18.76 -4.66
N PHE C 263 -28.48 19.45 -3.98
CA PHE C 263 -28.16 19.25 -2.54
C PHE C 263 -28.69 20.48 -1.79
N LEU C 264 -29.42 20.24 -0.70
CA LEU C 264 -30.01 21.32 0.13
C LEU C 264 -29.58 21.09 1.57
N TYR C 265 -29.04 22.14 2.20
CA TYR C 265 -28.99 22.25 3.68
C TYR C 265 -29.52 23.64 4.02
N PRO C 266 -30.85 23.77 4.16
CA PRO C 266 -31.48 25.04 4.50
C PRO C 266 -31.68 25.22 6.01
N ALA C 267 -32.37 26.30 6.41
CA ALA C 267 -32.67 26.63 7.84
C ALA C 267 -33.62 25.59 8.46
N ASN C 268 -33.39 25.23 9.74
CA ASN C 268 -34.32 24.33 10.49
C ASN C 268 -34.81 25.08 11.74
N LYS C 269 -34.09 24.98 12.86
CA LYS C 269 -34.53 25.46 14.20
C LYS C 269 -33.36 25.36 15.18
N LYS C 270 -32.82 24.14 15.34
CA LYS C 270 -31.51 23.88 15.99
C LYS C 270 -30.45 24.76 15.30
N SER C 271 -30.53 24.84 13.96
CA SER C 271 -29.69 25.70 13.08
C SER C 271 -30.60 26.55 12.17
N PRO C 272 -30.97 27.79 12.60
CA PRO C 272 -31.77 28.71 11.78
C PRO C 272 -31.02 29.53 10.71
N ASN C 273 -29.68 29.48 10.69
CA ASN C 273 -28.87 30.07 9.60
C ASN C 273 -28.11 28.96 8.86
N GLY C 274 -28.64 27.74 8.89
CA GLY C 274 -27.96 26.55 8.35
C GLY C 274 -26.91 26.02 9.30
N LYS C 275 -26.50 24.77 9.10
CA LYS C 275 -25.43 24.12 9.88
C LYS C 275 -24.09 24.39 9.19
N LEU C 276 -24.08 24.20 7.87
CA LEU C 276 -22.81 24.13 7.10
C LEU C 276 -22.17 25.53 7.11
N ARG C 277 -20.84 25.58 7.14
CA ARG C 277 -20.05 26.82 7.41
C ARG C 277 -19.58 27.41 6.08
N LEU C 278 -19.85 28.69 5.88
CA LEU C 278 -19.60 29.36 4.59
C LEU C 278 -18.13 29.25 4.19
N LEU C 279 -17.19 29.57 5.10
CA LEU C 279 -15.77 29.77 4.69
C LEU C 279 -15.11 28.48 4.17
N TYR C 280 -15.34 27.33 4.81
CA TYR C 280 -14.60 26.07 4.53
C TYR C 280 -15.54 24.90 4.20
N GLU C 281 -16.81 25.19 3.89
CA GLU C 281 -17.76 24.13 3.46
C GLU C 281 -18.63 24.66 2.30
N CYS C 282 -19.37 25.73 2.54
CA CYS C 282 -20.34 26.30 1.58
C CYS C 282 -19.61 27.00 0.42
N ASN C 283 -18.63 27.85 0.72
CA ASN C 283 -17.94 28.66 -0.32
C ASN C 283 -17.13 27.78 -1.25
N PRO C 284 -16.22 26.90 -0.77
CA PRO C 284 -15.51 25.98 -1.67
C PRO C 284 -16.45 25.19 -2.62
N MET C 285 -17.54 24.66 -2.10
CA MET C 285 -18.47 23.84 -2.90
C MET C 285 -19.19 24.70 -3.94
N ALA C 286 -19.54 25.93 -3.58
CA ALA C 286 -20.19 26.90 -4.49
C ALA C 286 -19.27 27.25 -5.66
N TYR C 287 -17.96 27.42 -5.39
CA TYR C 287 -16.95 27.71 -6.44
C TYR C 287 -16.86 26.53 -7.42
N VAL C 288 -16.80 25.30 -6.90
CA VAL C 288 -16.72 24.08 -7.73
C VAL C 288 -17.94 24.07 -8.66
N MET C 289 -19.13 24.25 -8.10
CA MET C 289 -20.42 24.20 -8.86
C MET C 289 -20.45 25.24 -9.97
N GLU C 290 -20.06 26.48 -9.67
CA GLU C 290 -20.15 27.61 -10.63
C GLU C 290 -19.20 27.34 -11.79
N LYS C 291 -17.97 26.96 -11.47
CA LYS C 291 -16.93 26.67 -12.50
C LYS C 291 -17.36 25.48 -13.36
N ALA C 292 -18.26 24.64 -12.86
CA ALA C 292 -18.74 23.44 -13.59
C ALA C 292 -20.11 23.73 -14.22
N GLY C 293 -20.53 25.01 -14.26
CA GLY C 293 -21.73 25.43 -15.00
C GLY C 293 -22.98 25.22 -14.18
N GLY C 294 -22.79 25.16 -12.86
CA GLY C 294 -23.87 24.92 -11.88
C GLY C 294 -24.04 26.12 -10.99
N MET C 295 -24.98 26.05 -10.05
CA MET C 295 -25.35 27.21 -9.21
C MET C 295 -25.31 26.85 -7.73
N ALA C 296 -25.37 27.85 -6.84
CA ALA C 296 -25.28 27.68 -5.37
C ALA C 296 -25.76 28.95 -4.64
N THR C 297 -26.91 28.85 -3.97
CA THR C 297 -27.57 30.01 -3.32
C THR C 297 -27.79 29.72 -1.84
N THR C 298 -28.03 30.78 -1.06
CA THR C 298 -28.48 30.72 0.36
C THR C 298 -30.02 30.74 0.38
N GLY C 299 -30.63 31.02 -0.77
CA GLY C 299 -32.06 31.36 -0.90
C GLY C 299 -32.22 32.83 -1.26
N LYS C 300 -31.46 33.71 -0.61
CA LYS C 300 -31.54 35.19 -0.79
C LYS C 300 -30.49 35.64 -1.79
N GLU C 301 -29.25 35.17 -1.64
CA GLU C 301 -28.11 35.59 -2.49
C GLU C 301 -27.31 34.36 -2.89
N ALA C 302 -26.29 34.56 -3.70
CA ALA C 302 -25.25 33.56 -4.01
C ALA C 302 -24.33 33.42 -2.80
N VAL C 303 -23.91 32.18 -2.54
CA VAL C 303 -22.98 31.87 -1.42
C VAL C 303 -21.73 32.72 -1.64
N LEU C 304 -21.32 32.90 -2.89
CA LEU C 304 -20.03 33.57 -3.23
C LEU C 304 -20.15 35.10 -3.05
N ASP C 305 -21.37 35.64 -2.92
CA ASP C 305 -21.60 37.10 -2.74
C ASP C 305 -21.71 37.46 -1.26
N VAL C 306 -21.89 36.48 -0.38
CA VAL C 306 -22.07 36.73 1.08
C VAL C 306 -20.73 37.17 1.67
N ILE C 307 -20.68 38.38 2.25
CA ILE C 307 -19.44 38.91 2.87
C ILE C 307 -19.44 38.47 4.32
N PRO C 308 -18.42 37.69 4.77
CA PRO C 308 -18.43 37.08 6.10
C PRO C 308 -17.95 38.00 7.23
N THR C 309 -18.43 37.79 8.46
CA THR C 309 -18.01 38.52 9.69
C THR C 309 -17.35 37.58 10.69
N ASP C 310 -17.64 36.27 10.63
CA ASP C 310 -17.03 35.26 11.52
C ASP C 310 -16.38 34.15 10.67
N ILE C 311 -15.22 33.67 11.10
CA ILE C 311 -14.49 32.58 10.38
C ILE C 311 -15.31 31.28 10.47
N HIS C 312 -16.09 31.10 11.54
CA HIS C 312 -16.95 29.90 11.79
C HIS C 312 -18.42 30.26 11.59
N GLN C 313 -18.68 31.26 10.76
CA GLN C 313 -20.06 31.66 10.37
C GLN C 313 -20.74 30.51 9.63
N ARG C 314 -22.02 30.27 9.93
CA ARG C 314 -22.86 29.25 9.27
C ARG C 314 -23.62 29.93 8.16
N ALA C 315 -24.10 29.17 7.17
CA ALA C 315 -24.76 29.70 5.97
C ALA C 315 -25.61 28.61 5.31
N PRO C 316 -26.85 28.92 4.91
CA PRO C 316 -27.67 27.95 4.18
C PRO C 316 -27.00 27.69 2.82
N VAL C 317 -27.21 26.51 2.23
CA VAL C 317 -26.66 26.17 0.88
C VAL C 317 -27.70 25.34 0.13
N ILE C 318 -28.00 25.76 -1.10
CA ILE C 318 -28.79 24.99 -2.09
C ILE C 318 -27.99 25.01 -3.39
N LEU C 319 -27.31 23.90 -3.71
CA LEU C 319 -26.36 23.84 -4.85
C LEU C 319 -26.73 22.70 -5.81
N GLY C 320 -26.29 22.82 -7.06
CA GLY C 320 -26.38 21.69 -8.01
C GLY C 320 -26.55 22.11 -9.46
N SER C 321 -27.37 21.33 -10.16
CA SER C 321 -27.75 21.51 -11.58
C SER C 321 -28.49 22.84 -11.71
N PRO C 322 -28.05 23.74 -12.65
CA PRO C 322 -28.56 25.10 -12.70
C PRO C 322 -30.10 25.21 -12.65
N ASP C 323 -30.80 24.42 -13.46
CA ASP C 323 -32.27 24.53 -13.64
C ASP C 323 -32.93 24.12 -12.33
N ASP C 324 -32.33 23.21 -11.57
CA ASP C 324 -32.92 22.65 -10.32
C ASP C 324 -32.79 23.67 -9.20
N VAL C 325 -31.68 24.41 -9.17
CA VAL C 325 -31.46 25.51 -8.17
C VAL C 325 -32.44 26.64 -8.51
N LEU C 326 -32.60 26.93 -9.80
CA LEU C 326 -33.51 28.01 -10.27
C LEU C 326 -34.96 27.67 -9.91
N GLU C 327 -35.41 26.45 -10.19
CA GLU C 327 -36.76 25.98 -9.78
C GLU C 327 -36.99 26.27 -8.28
N PHE C 328 -36.02 25.95 -7.42
CA PHE C 328 -36.14 26.17 -5.95
C PHE C 328 -36.34 27.67 -5.72
N LEU C 329 -35.46 28.47 -6.32
CA LEU C 329 -35.44 29.95 -6.14
C LEU C 329 -36.80 30.54 -6.55
N LYS C 330 -37.43 30.03 -7.61
CA LYS C 330 -38.78 30.48 -8.05
C LYS C 330 -39.80 30.25 -6.93
N VAL C 331 -39.69 29.15 -6.18
CA VAL C 331 -40.59 28.84 -5.03
C VAL C 331 -40.27 29.81 -3.88
N TYR C 332 -38.99 30.08 -3.62
CA TYR C 332 -38.58 31.03 -2.56
C TYR C 332 -39.19 32.40 -2.86
N GLU C 333 -39.17 32.79 -4.14
CA GLU C 333 -39.70 34.09 -4.65
C GLU C 333 -41.21 34.14 -4.42
N LYS C 334 -41.89 33.02 -4.58
CA LYS C 334 -43.37 32.92 -4.40
C LYS C 334 -43.67 32.71 -2.90
N HIS C 335 -42.78 33.14 -2.00
CA HIS C 335 -42.91 32.95 -0.54
C HIS C 335 -42.23 34.07 0.26
N SER C 336 -41.47 34.96 -0.39
CA SER C 336 -40.58 35.91 0.35
C SER C 336 -40.63 37.30 -0.29
N ALA C 337 -39.62 38.13 0.04
CA ALA C 337 -39.37 39.51 -0.45
C ALA C 337 -39.34 39.55 -1.98
N THR D 9 -8.70 -9.71 24.46
CA THR D 9 -7.57 -8.89 25.02
C THR D 9 -6.38 -8.95 24.04
N ASP D 10 -6.00 -10.15 23.55
CA ASP D 10 -4.90 -10.34 22.57
C ASP D 10 -5.40 -10.13 21.14
N VAL D 11 -4.50 -9.86 20.21
CA VAL D 11 -4.81 -9.51 18.79
C VAL D 11 -5.41 -10.76 18.15
N ASN D 12 -6.24 -10.58 17.13
CA ASN D 12 -6.72 -11.71 16.31
C ASN D 12 -6.91 -11.23 14.86
N THR D 13 -6.70 -12.15 13.94
CA THR D 13 -6.86 -11.96 12.49
C THR D 13 -8.06 -12.83 12.06
N LEU D 14 -8.70 -12.49 10.95
CA LEU D 14 -9.81 -13.29 10.39
C LEU D 14 -9.34 -14.73 10.16
N THR D 15 -8.14 -14.89 9.63
CA THR D 15 -7.58 -16.20 9.25
C THR D 15 -7.48 -17.06 10.51
N ARG D 16 -6.83 -16.55 11.55
CA ARG D 16 -6.67 -17.28 12.83
C ARG D 16 -8.04 -17.61 13.42
N PHE D 17 -8.94 -16.63 13.51
CA PHE D 17 -10.31 -16.77 14.06
C PHE D 17 -11.07 -17.92 13.38
N VAL D 18 -11.11 -17.89 12.07
CA VAL D 18 -11.85 -18.87 11.24
C VAL D 18 -11.16 -20.25 11.34
N MET D 19 -9.84 -20.30 11.46
CA MET D 19 -9.09 -21.58 11.60
C MET D 19 -9.25 -22.14 13.02
N GLU D 20 -9.28 -21.29 14.05
CA GLU D 20 -9.47 -21.71 15.46
C GLU D 20 -10.93 -22.11 15.72
N GLU D 21 -11.90 -21.42 15.14
CA GLU D 21 -13.34 -21.78 15.25
C GLU D 21 -13.60 -23.16 14.60
N GLY D 22 -12.94 -23.46 13.48
CA GLY D 22 -13.08 -24.76 12.78
C GLY D 22 -12.47 -25.93 13.55
N ARG D 23 -11.39 -25.69 14.28
CA ARG D 23 -10.74 -26.69 15.16
C ARG D 23 -11.56 -26.90 16.46
N LYS D 24 -12.13 -25.83 17.01
CA LYS D 24 -13.03 -25.89 18.18
C LYS D 24 -14.31 -26.66 17.82
N ALA D 25 -14.73 -26.63 16.56
CA ALA D 25 -15.93 -27.36 16.12
C ALA D 25 -15.56 -28.76 15.61
N ARG D 26 -14.27 -29.12 15.75
CA ARG D 26 -13.64 -30.33 15.17
C ARG D 26 -14.27 -30.56 13.79
N GLY D 27 -13.95 -29.70 12.81
CA GLY D 27 -14.59 -29.69 11.48
C GLY D 27 -13.70 -30.24 10.39
N THR D 28 -14.16 -30.19 9.14
CA THR D 28 -13.46 -30.72 7.94
C THR D 28 -12.41 -29.72 7.44
N GLY D 29 -12.69 -28.42 7.58
CA GLY D 29 -11.86 -27.33 7.06
C GLY D 29 -12.53 -26.62 5.91
N GLU D 30 -13.56 -27.23 5.31
CA GLU D 30 -14.26 -26.67 4.12
C GLU D 30 -14.82 -25.27 4.40
N LEU D 31 -15.54 -25.06 5.51
CA LEU D 31 -16.07 -23.73 5.88
C LEU D 31 -14.89 -22.77 6.08
N THR D 32 -13.86 -23.20 6.82
CA THR D 32 -12.68 -22.36 7.14
C THR D 32 -11.99 -21.95 5.84
N GLN D 33 -11.89 -22.86 4.88
CA GLN D 33 -11.17 -22.63 3.59
C GLN D 33 -12.04 -21.71 2.70
N LEU D 34 -13.35 -21.93 2.69
CA LEU D 34 -14.33 -21.06 1.98
C LEU D 34 -14.19 -19.63 2.46
N LEU D 35 -14.19 -19.41 3.76
CA LEU D 35 -14.18 -18.07 4.38
C LEU D 35 -12.83 -17.41 4.12
N ASN D 36 -11.73 -18.16 4.16
CA ASN D 36 -10.37 -17.63 3.84
C ASN D 36 -10.27 -17.27 2.35
N SER D 37 -10.83 -18.09 1.47
CA SER D 37 -10.84 -17.84 0.00
C SER D 37 -11.72 -16.63 -0.33
N LEU D 38 -12.85 -16.49 0.38
CA LEU D 38 -13.76 -15.33 0.24
C LEU D 38 -13.05 -14.05 0.66
N CYS D 39 -12.24 -14.10 1.73
CA CYS D 39 -11.55 -12.91 2.32
C CYS D 39 -10.35 -12.49 1.47
N THR D 40 -9.66 -13.45 0.86
CA THR D 40 -8.59 -13.17 -0.12
C THR D 40 -9.17 -12.42 -1.32
N ALA D 41 -10.34 -12.82 -1.79
CA ALA D 41 -11.08 -12.12 -2.86
C ALA D 41 -11.46 -10.69 -2.43
N VAL D 42 -11.92 -10.53 -1.18
CA VAL D 42 -12.34 -9.21 -0.63
C VAL D 42 -11.13 -8.24 -0.57
N LYS D 43 -9.93 -8.71 -0.27
CA LYS D 43 -8.73 -7.83 -0.23
C LYS D 43 -8.38 -7.38 -1.66
N ALA D 44 -8.62 -8.25 -2.62
CA ALA D 44 -8.37 -8.01 -4.05
C ALA D 44 -9.39 -7.01 -4.58
N ILE D 45 -10.66 -7.19 -4.30
CA ILE D 45 -11.74 -6.23 -4.71
C ILE D 45 -11.42 -4.84 -4.14
N SER D 46 -11.00 -4.77 -2.88
CA SER D 46 -10.66 -3.52 -2.14
C SER D 46 -9.56 -2.82 -2.92
N SER D 47 -8.51 -3.54 -3.29
CA SER D 47 -7.31 -2.98 -3.97
C SER D 47 -7.77 -2.32 -5.27
N ALA D 48 -8.66 -2.98 -6.02
CA ALA D 48 -9.17 -2.52 -7.33
C ALA D 48 -10.23 -1.41 -7.17
N VAL D 49 -11.09 -1.51 -6.17
CA VAL D 49 -12.12 -0.47 -5.87
C VAL D 49 -11.41 0.84 -5.46
N ARG D 50 -10.30 0.76 -4.73
CA ARG D 50 -9.48 1.94 -4.34
C ARG D 50 -8.56 2.35 -5.50
N LYS D 51 -8.70 1.75 -6.69
CA LYS D 51 -8.10 2.18 -7.99
C LYS D 51 -6.56 2.09 -7.94
N ALA D 52 -6.04 0.98 -7.43
CA ALA D 52 -4.59 0.68 -7.47
C ALA D 52 -4.24 0.21 -8.88
N GLY D 53 -3.22 0.80 -9.51
CA GLY D 53 -2.82 0.49 -10.88
C GLY D 53 -3.60 1.28 -11.94
N ILE D 54 -4.40 2.29 -11.56
CA ILE D 54 -5.18 3.11 -12.53
C ILE D 54 -4.20 3.89 -13.42
N ALA D 55 -2.99 4.16 -12.94
CA ALA D 55 -1.92 4.86 -13.69
C ALA D 55 -1.56 4.07 -14.96
N HIS D 56 -1.62 2.73 -14.91
CA HIS D 56 -1.25 1.84 -16.05
C HIS D 56 -2.34 1.94 -17.12
N LEU D 57 -3.56 2.30 -16.72
CA LEU D 57 -4.72 2.46 -17.64
C LEU D 57 -4.72 3.85 -18.28
N TYR D 58 -3.77 4.72 -17.92
CA TYR D 58 -3.77 6.15 -18.35
C TYR D 58 -2.41 6.50 -18.92
N GLY D 59 -1.54 5.50 -19.18
CA GLY D 59 -0.31 5.69 -19.97
C GLY D 59 0.93 5.98 -19.15
N ILE D 60 1.06 5.45 -17.94
CA ILE D 60 2.33 5.59 -17.17
C ILE D 60 3.44 4.85 -17.96
N ALA D 61 3.15 3.69 -18.57
CA ALA D 61 4.07 2.97 -19.48
C ALA D 61 3.63 3.08 -20.95
N GLY D 62 2.60 3.89 -21.26
CA GLY D 62 2.08 4.16 -22.62
C GLY D 62 1.47 2.94 -23.30
N SER D 63 0.47 2.30 -22.69
CA SER D 63 -0.16 1.04 -23.21
C SER D 63 -1.54 0.81 -22.58
N THR D 64 -2.63 0.96 -23.35
CA THR D 64 -4.03 0.80 -22.87
C THR D 64 -4.73 -0.29 -23.70
N ASN D 65 -5.45 0.09 -24.77
CA ASN D 65 -6.23 -0.83 -25.64
C ASN D 65 -7.01 -1.79 -24.74
N VAL D 66 -6.76 -3.11 -24.86
CA VAL D 66 -7.21 -4.17 -23.89
C VAL D 66 -5.94 -4.87 -23.37
N THR D 67 -5.47 -4.46 -22.18
CA THR D 67 -4.13 -4.85 -21.65
C THR D 67 -4.28 -6.20 -20.93
N GLY D 68 -4.24 -6.23 -19.58
CA GLY D 68 -4.47 -7.45 -18.80
C GLY D 68 -5.88 -7.51 -18.24
N ASP D 69 -6.91 -7.43 -19.10
CA ASP D 69 -8.37 -7.42 -18.76
C ASP D 69 -8.64 -6.58 -17.48
N GLN D 70 -7.90 -5.47 -17.31
CA GLN D 70 -8.14 -4.47 -16.24
C GLN D 70 -9.15 -3.44 -16.73
N VAL D 71 -9.59 -3.58 -17.99
CA VAL D 71 -10.64 -2.75 -18.65
C VAL D 71 -12.02 -3.28 -18.25
N LYS D 72 -12.04 -4.32 -17.42
CA LYS D 72 -13.28 -4.88 -16.83
C LYS D 72 -13.83 -3.90 -15.81
N LYS D 73 -15.12 -3.57 -15.89
CA LYS D 73 -15.80 -2.80 -14.83
C LYS D 73 -15.61 -3.56 -13.51
N LEU D 74 -15.56 -2.85 -12.38
CA LEU D 74 -15.22 -3.44 -11.07
C LEU D 74 -16.25 -4.47 -10.59
N ASP D 75 -17.49 -4.40 -11.08
CA ASP D 75 -18.54 -5.40 -10.71
C ASP D 75 -18.27 -6.73 -11.39
N VAL D 76 -17.70 -6.73 -12.60
CA VAL D 76 -17.36 -7.99 -13.33
C VAL D 76 -16.10 -8.59 -12.68
N LEU D 77 -15.09 -7.76 -12.43
CA LEU D 77 -13.81 -8.18 -11.80
C LEU D 77 -14.09 -8.78 -10.42
N SER D 78 -14.95 -8.12 -9.65
CA SER D 78 -15.42 -8.58 -8.30
C SER D 78 -16.02 -9.98 -8.41
N ASN D 79 -16.92 -10.18 -9.38
CA ASN D 79 -17.64 -11.46 -9.58
C ASN D 79 -16.61 -12.51 -9.99
N ASP D 80 -15.72 -12.17 -10.91
CA ASP D 80 -14.68 -13.10 -11.45
C ASP D 80 -13.72 -13.49 -10.32
N LEU D 81 -13.40 -12.55 -9.43
CA LEU D 81 -12.56 -12.82 -8.21
C LEU D 81 -13.29 -13.75 -7.24
N VAL D 82 -14.54 -13.45 -6.89
CA VAL D 82 -15.27 -14.26 -5.88
C VAL D 82 -15.49 -15.66 -6.47
N MET D 83 -15.88 -15.75 -7.74
CA MET D 83 -16.19 -17.05 -8.39
C MET D 83 -14.93 -17.93 -8.41
N ASN D 84 -13.81 -17.40 -8.86
CA ASN D 84 -12.59 -18.22 -9.03
C ASN D 84 -12.02 -18.55 -7.64
N MET D 85 -12.12 -17.66 -6.66
CA MET D 85 -11.57 -17.94 -5.32
C MET D 85 -12.40 -19.04 -4.64
N LEU D 86 -13.73 -18.94 -4.72
CA LEU D 86 -14.66 -19.92 -4.09
C LEU D 86 -14.54 -21.29 -4.77
N LYS D 87 -14.53 -21.34 -6.10
CA LYS D 87 -14.30 -22.60 -6.85
C LYS D 87 -13.01 -23.30 -6.39
N SER D 88 -11.95 -22.56 -6.09
CA SER D 88 -10.60 -23.11 -5.78
C SER D 88 -10.47 -23.43 -4.28
N SER D 89 -11.51 -23.16 -3.50
CA SER D 89 -11.55 -23.48 -2.06
C SER D 89 -11.79 -24.98 -1.87
N PHE D 90 -12.32 -25.65 -2.90
CA PHE D 90 -12.74 -27.07 -2.87
C PHE D 90 -13.86 -27.23 -1.83
N ALA D 91 -14.71 -26.20 -1.66
CA ALA D 91 -15.72 -26.13 -0.58
C ALA D 91 -17.11 -25.78 -1.10
N THR D 92 -17.26 -25.64 -2.42
CA THR D 92 -18.49 -25.09 -3.04
C THR D 92 -18.99 -26.09 -4.07
N CYS D 93 -20.31 -26.28 -4.12
CA CYS D 93 -20.97 -27.07 -5.18
C CYS D 93 -21.77 -26.14 -6.11
N VAL D 94 -22.55 -25.22 -5.55
CA VAL D 94 -23.51 -24.34 -6.31
C VAL D 94 -23.21 -22.88 -5.93
N LEU D 95 -23.03 -22.03 -6.94
CA LEU D 95 -22.69 -20.59 -6.75
C LEU D 95 -23.72 -19.73 -7.46
N VAL D 96 -24.44 -18.90 -6.69
CA VAL D 96 -25.45 -17.94 -7.21
C VAL D 96 -24.91 -16.52 -7.03
N SER D 97 -25.03 -15.69 -8.07
CA SER D 97 -24.52 -14.29 -8.10
C SER D 97 -25.52 -13.37 -8.77
N GLU D 98 -25.46 -12.07 -8.45
CA GLU D 98 -26.27 -11.02 -9.12
C GLU D 98 -25.90 -10.91 -10.61
N GLU D 99 -24.68 -11.27 -11.01
CA GLU D 99 -24.13 -11.06 -12.37
C GLU D 99 -24.47 -12.23 -13.29
N ASP D 100 -24.91 -13.36 -12.75
CA ASP D 100 -25.11 -14.60 -13.55
C ASP D 100 -26.57 -15.02 -13.44
N LYS D 101 -27.22 -15.22 -14.60
CA LYS D 101 -28.67 -15.46 -14.69
C LYS D 101 -29.00 -16.80 -14.04
N HIS D 102 -28.23 -17.83 -14.39
CA HIS D 102 -28.41 -19.20 -13.84
C HIS D 102 -27.27 -19.46 -12.85
N ALA D 103 -27.52 -20.37 -11.91
CA ALA D 103 -26.52 -20.78 -10.90
C ALA D 103 -25.34 -21.40 -11.62
N ILE D 104 -24.15 -21.29 -11.03
CA ILE D 104 -22.94 -21.99 -11.51
C ILE D 104 -22.85 -23.30 -10.72
N ILE D 105 -22.71 -24.43 -11.42
CA ILE D 105 -22.41 -25.73 -10.78
C ILE D 105 -20.90 -25.93 -10.90
N VAL D 106 -20.23 -26.14 -9.76
CA VAL D 106 -18.74 -26.22 -9.71
C VAL D 106 -18.35 -27.59 -10.24
N GLU D 107 -17.37 -27.61 -11.16
CA GLU D 107 -16.84 -28.85 -11.80
C GLU D 107 -16.61 -29.93 -10.75
N PRO D 108 -16.94 -31.21 -11.06
CA PRO D 108 -16.85 -32.30 -10.09
C PRO D 108 -15.55 -32.35 -9.28
N GLU D 109 -14.42 -32.06 -9.91
CA GLU D 109 -13.06 -32.19 -9.31
C GLU D 109 -12.83 -31.17 -8.18
N LYS D 110 -13.60 -30.09 -8.12
CA LYS D 110 -13.39 -28.99 -7.14
C LYS D 110 -14.62 -28.83 -6.24
N ARG D 111 -15.54 -29.79 -6.29
CA ARG D 111 -16.86 -29.67 -5.62
C ARG D 111 -16.73 -29.90 -4.11
N GLY D 112 -17.44 -29.10 -3.32
CA GLY D 112 -17.54 -29.22 -1.86
C GLY D 112 -18.99 -29.23 -1.46
N LYS D 113 -19.29 -28.93 -0.20
CA LYS D 113 -20.64 -29.19 0.36
C LYS D 113 -21.48 -27.91 0.41
N TYR D 114 -20.88 -26.73 0.27
CA TYR D 114 -21.56 -25.45 0.60
C TYR D 114 -22.10 -24.83 -0.68
N VAL D 115 -23.25 -24.17 -0.53
CA VAL D 115 -23.88 -23.32 -1.58
C VAL D 115 -23.63 -21.87 -1.15
N VAL D 116 -23.05 -21.06 -2.02
CA VAL D 116 -22.84 -19.61 -1.72
C VAL D 116 -23.72 -18.82 -2.68
N CYS D 117 -24.54 -17.93 -2.13
CA CYS D 117 -25.29 -16.89 -2.87
C CYS D 117 -24.65 -15.56 -2.47
N PHE D 118 -24.09 -14.83 -3.42
CA PHE D 118 -23.34 -13.57 -3.15
C PHE D 118 -23.72 -12.40 -4.09
N ASP D 119 -23.48 -11.19 -3.62
CA ASP D 119 -23.62 -9.92 -4.39
C ASP D 119 -22.24 -9.29 -4.48
N PRO D 120 -21.51 -9.50 -5.59
CA PRO D 120 -20.10 -9.14 -5.67
C PRO D 120 -19.71 -7.67 -5.47
N LEU D 121 -20.45 -6.71 -6.04
CA LEU D 121 -20.18 -5.25 -5.80
C LEU D 121 -21.51 -4.48 -5.71
N ASP D 122 -22.22 -4.65 -4.60
CA ASP D 122 -23.52 -4.00 -4.33
C ASP D 122 -23.31 -2.48 -4.29
N GLY D 123 -24.01 -1.74 -5.18
CA GLY D 123 -23.97 -0.26 -5.28
C GLY D 123 -23.20 0.22 -6.50
N SER D 124 -22.63 -0.71 -7.28
CA SER D 124 -21.70 -0.46 -8.42
C SER D 124 -22.34 0.41 -9.52
N SER D 125 -23.68 0.49 -9.56
CA SER D 125 -24.47 1.33 -10.50
C SER D 125 -24.06 2.79 -10.36
N ASN D 126 -23.66 3.22 -9.17
CA ASN D 126 -23.34 4.64 -8.90
C ASN D 126 -21.87 4.80 -8.51
N ILE D 127 -21.01 3.82 -8.83
CA ILE D 127 -19.59 3.80 -8.40
C ILE D 127 -18.82 4.92 -9.10
N ASP D 128 -19.37 5.53 -10.14
CA ASP D 128 -18.85 6.80 -10.73
C ASP D 128 -18.79 7.92 -9.69
N CYS D 129 -19.72 7.96 -8.72
CA CYS D 129 -19.82 9.03 -7.68
C CYS D 129 -19.01 8.62 -6.44
N LEU D 130 -18.36 7.45 -6.52
CA LEU D 130 -17.39 6.93 -5.51
C LEU D 130 -18.18 6.61 -4.23
N VAL D 131 -19.43 6.22 -4.42
CA VAL D 131 -20.34 5.77 -3.31
C VAL D 131 -19.71 4.55 -2.61
N SER D 132 -19.91 4.39 -1.30
CA SER D 132 -19.49 3.17 -0.55
C SER D 132 -20.18 1.95 -1.18
N VAL D 133 -19.42 0.90 -1.46
CA VAL D 133 -19.91 -0.32 -2.16
C VAL D 133 -19.58 -1.54 -1.30
N GLY D 134 -20.05 -2.72 -1.69
CA GLY D 134 -19.79 -3.91 -0.85
C GLY D 134 -19.95 -5.23 -1.54
N THR D 135 -19.44 -6.28 -0.90
CA THR D 135 -19.64 -7.68 -1.28
C THR D 135 -20.53 -8.29 -0.20
N ILE D 136 -21.71 -8.75 -0.56
CA ILE D 136 -22.65 -9.41 0.39
C ILE D 136 -22.62 -10.92 0.11
N PHE D 137 -22.46 -11.75 1.14
CA PHE D 137 -22.28 -13.22 0.99
C PHE D 137 -23.22 -13.97 1.93
N GLY D 138 -23.71 -15.11 1.47
CA GLY D 138 -24.55 -16.04 2.25
C GLY D 138 -24.17 -17.48 1.97
N ILE D 139 -23.78 -18.23 2.99
CA ILE D 139 -23.26 -19.63 2.83
C ILE D 139 -24.30 -20.61 3.38
N TYR D 140 -24.78 -21.52 2.53
CA TYR D 140 -25.73 -22.63 2.86
C TYR D 140 -25.02 -23.97 2.70
N ARG D 141 -25.56 -25.02 3.30
CA ARG D 141 -25.08 -26.41 3.04
C ARG D 141 -26.06 -27.10 2.08
N LYS D 142 -25.53 -27.83 1.10
CA LYS D 142 -26.33 -28.77 0.29
C LYS D 142 -26.95 -29.80 1.23
N LYS D 143 -28.27 -29.75 1.40
CA LYS D 143 -29.02 -30.76 2.20
C LYS D 143 -29.70 -31.73 1.23
N SER D 144 -29.39 -31.61 -0.06
CA SER D 144 -29.95 -32.45 -1.15
C SER D 144 -29.07 -33.69 -1.36
N THR D 145 -29.62 -34.73 -1.99
CA THR D 145 -28.89 -35.93 -2.45
C THR D 145 -28.72 -35.87 -3.99
N ASP D 146 -29.58 -35.12 -4.68
CA ASP D 146 -29.57 -35.01 -6.17
C ASP D 146 -28.28 -34.30 -6.62
N GLU D 147 -27.86 -34.55 -7.85
CA GLU D 147 -26.66 -33.92 -8.45
C GLU D 147 -26.81 -32.40 -8.29
N PRO D 148 -25.77 -31.67 -7.84
CA PRO D 148 -25.85 -30.23 -7.64
C PRO D 148 -26.63 -29.45 -8.72
N SER D 149 -27.63 -28.68 -8.29
CA SER D 149 -28.51 -27.87 -9.17
C SER D 149 -28.88 -26.54 -8.47
N GLU D 150 -29.55 -25.67 -9.23
CA GLU D 150 -30.07 -24.35 -8.79
C GLU D 150 -31.03 -24.54 -7.61
N LYS D 151 -31.74 -25.68 -7.54
CA LYS D 151 -32.74 -25.95 -6.48
C LYS D 151 -32.02 -25.98 -5.12
N ASP D 152 -30.71 -26.25 -5.10
CA ASP D 152 -29.91 -26.35 -3.84
C ASP D 152 -29.73 -24.96 -3.24
N ALA D 153 -29.96 -23.88 -4.02
CA ALA D 153 -29.88 -22.47 -3.56
C ALA D 153 -31.23 -21.99 -3.04
N LEU D 154 -32.32 -22.68 -3.39
CA LEU D 154 -33.71 -22.28 -3.01
C LEU D 154 -34.01 -22.71 -1.56
N GLN D 155 -33.08 -22.47 -0.64
CA GLN D 155 -33.26 -22.77 0.80
C GLN D 155 -33.64 -21.46 1.49
N PRO D 156 -34.53 -21.51 2.51
CA PRO D 156 -34.80 -20.33 3.33
C PRO D 156 -33.57 -19.86 4.16
N GLY D 157 -33.55 -18.58 4.49
CA GLY D 157 -32.46 -17.94 5.27
C GLY D 157 -32.32 -18.49 6.68
N ARG D 158 -33.19 -19.37 7.16
CA ARG D 158 -32.99 -20.02 8.50
C ARG D 158 -31.90 -21.08 8.35
N ASN D 159 -31.77 -21.67 7.16
CA ASN D 159 -30.87 -22.83 6.87
C ASN D 159 -29.44 -22.34 6.69
N LEU D 160 -29.23 -21.01 6.70
CA LEU D 160 -27.91 -20.36 6.51
C LEU D 160 -26.92 -20.88 7.55
N VAL D 161 -25.67 -21.12 7.13
CA VAL D 161 -24.53 -21.57 8.01
C VAL D 161 -23.75 -20.33 8.47
N ALA D 162 -23.48 -19.42 7.55
CA ALA D 162 -22.80 -18.14 7.83
C ALA D 162 -23.21 -17.11 6.77
N ALA D 163 -23.12 -15.84 7.13
CA ALA D 163 -23.55 -14.72 6.27
C ALA D 163 -22.80 -13.45 6.69
N GLY D 164 -22.76 -12.46 5.83
CA GLY D 164 -21.98 -11.26 6.15
C GLY D 164 -21.69 -10.39 4.95
N TYR D 165 -20.77 -9.45 5.12
CA TYR D 165 -20.53 -8.43 4.08
C TYR D 165 -19.13 -7.83 4.23
N ALA D 166 -18.58 -7.40 3.09
CA ALA D 166 -17.40 -6.51 3.04
C ALA D 166 -17.89 -5.13 2.61
N LEU D 167 -17.67 -4.10 3.44
CA LEU D 167 -17.95 -2.71 3.06
C LEU D 167 -16.64 -2.07 2.59
N TYR D 168 -16.67 -1.42 1.42
CA TYR D 168 -15.55 -0.64 0.87
C TYR D 168 -15.91 0.83 1.00
N GLY D 169 -15.80 1.38 2.22
CA GLY D 169 -16.16 2.78 2.54
C GLY D 169 -14.93 3.58 2.87
N SER D 170 -14.96 4.40 3.92
CA SER D 170 -13.78 5.13 4.46
C SER D 170 -12.62 4.16 4.61
N ALA D 171 -12.92 3.01 5.18
CA ALA D 171 -11.99 1.88 5.31
C ALA D 171 -12.73 0.62 4.86
N THR D 172 -12.06 -0.52 4.81
CA THR D 172 -12.69 -1.79 4.35
C THR D 172 -12.84 -2.70 5.55
N MET D 173 -14.06 -3.15 5.83
CA MET D 173 -14.37 -3.97 7.03
C MET D 173 -15.17 -5.20 6.61
N LEU D 174 -14.74 -6.39 7.02
CA LEU D 174 -15.61 -7.58 6.88
C LEU D 174 -16.41 -7.74 8.17
N VAL D 175 -17.73 -7.89 8.02
CA VAL D 175 -18.70 -8.29 9.07
C VAL D 175 -19.10 -9.74 8.77
N LEU D 176 -18.66 -10.66 9.65
CA LEU D 176 -18.90 -12.12 9.54
C LEU D 176 -19.84 -12.55 10.66
N ALA D 177 -21.07 -12.88 10.30
CA ALA D 177 -22.10 -13.37 11.24
C ALA D 177 -22.11 -14.90 11.16
N MET D 178 -21.99 -15.57 12.31
CA MET D 178 -22.14 -17.05 12.42
C MET D 178 -22.99 -17.35 13.66
N ASP D 179 -23.06 -18.61 14.08
CA ASP D 179 -23.79 -19.00 15.31
C ASP D 179 -23.05 -18.49 16.54
N CYS D 180 -21.73 -18.30 16.43
CA CYS D 180 -20.85 -17.69 17.48
C CYS D 180 -21.19 -16.21 17.67
N GLY D 181 -21.92 -15.59 16.72
CA GLY D 181 -22.30 -14.17 16.75
C GLY D 181 -21.65 -13.36 15.65
N VAL D 182 -21.86 -12.05 15.67
CA VAL D 182 -21.41 -11.13 14.59
C VAL D 182 -20.04 -10.59 15.02
N ASN D 183 -19.04 -10.74 14.17
CA ASN D 183 -17.68 -10.23 14.47
C ASN D 183 -17.25 -9.31 13.33
N CYS D 184 -16.74 -8.13 13.66
CA CYS D 184 -16.34 -7.07 12.71
C CYS D 184 -14.80 -6.98 12.60
N PHE D 185 -14.27 -7.11 11.38
CA PHE D 185 -12.81 -7.14 11.11
C PHE D 185 -12.41 -6.03 10.14
N MET D 186 -11.43 -5.19 10.52
CA MET D 186 -10.94 -4.07 9.68
C MET D 186 -9.76 -4.54 8.83
N LEU D 187 -9.77 -4.21 7.54
CA LEU D 187 -8.62 -4.45 6.65
C LEU D 187 -7.56 -3.40 6.95
N ASP D 188 -6.39 -3.83 7.44
CA ASP D 188 -5.17 -2.99 7.52
C ASP D 188 -4.48 -3.12 6.16
N PRO D 189 -4.56 -2.07 5.30
CA PRO D 189 -4.01 -2.13 3.95
C PRO D 189 -2.47 -2.19 3.95
N ALA D 190 -1.84 -1.96 5.09
CA ALA D 190 -0.37 -1.99 5.23
C ALA D 190 0.11 -3.45 5.28
N ILE D 191 -0.66 -4.34 5.88
CA ILE D 191 -0.23 -5.76 6.10
C ILE D 191 -1.13 -6.73 5.30
N GLY D 192 -2.29 -6.28 4.81
CA GLY D 192 -3.22 -7.13 4.05
C GLY D 192 -3.85 -8.15 4.95
N GLU D 193 -4.22 -7.74 6.17
CA GLU D 193 -4.81 -8.65 7.19
C GLU D 193 -6.02 -7.97 7.81
N PHE D 194 -7.11 -8.70 7.97
CA PHE D 194 -8.31 -8.21 8.67
C PHE D 194 -8.07 -8.34 10.17
N ILE D 195 -8.26 -7.26 10.94
CA ILE D 195 -7.98 -7.19 12.40
C ILE D 195 -9.31 -7.14 13.16
N LEU D 196 -9.50 -8.07 14.10
CA LEU D 196 -10.76 -8.20 14.88
C LEU D 196 -10.94 -6.97 15.76
N VAL D 197 -11.79 -6.04 15.35
CA VAL D 197 -11.90 -4.69 16.00
C VAL D 197 -13.18 -4.64 16.86
N ASP D 198 -14.20 -5.43 16.53
CA ASP D 198 -15.49 -5.43 17.27
C ASP D 198 -16.01 -6.86 17.40
N LYS D 199 -16.19 -7.33 18.64
CA LYS D 199 -16.49 -8.74 18.95
C LYS D 199 -17.96 -8.90 19.34
N ASP D 200 -18.58 -10.01 18.92
CA ASP D 200 -20.00 -10.36 19.25
C ASP D 200 -20.82 -9.08 19.36
N VAL D 201 -20.96 -8.37 18.25
CA VAL D 201 -21.59 -7.01 18.26
C VAL D 201 -23.10 -7.21 18.38
N LYS D 202 -23.74 -6.27 19.08
CA LYS D 202 -25.21 -6.26 19.31
C LYS D 202 -25.75 -4.91 18.83
N ILE D 203 -26.87 -4.93 18.13
CA ILE D 203 -27.50 -3.67 17.66
C ILE D 203 -28.23 -3.05 18.86
N LYS D 204 -28.32 -1.72 18.91
CA LYS D 204 -29.10 -0.99 19.94
C LYS D 204 -30.57 -1.41 19.87
N LYS D 205 -31.27 -1.36 21.01
CA LYS D 205 -32.71 -1.74 21.07
C LYS D 205 -33.52 -0.74 20.22
N LYS D 206 -33.22 0.55 20.38
CA LYS D 206 -33.94 1.64 19.68
C LYS D 206 -32.93 2.66 19.18
N GLY D 207 -33.08 3.07 17.92
CA GLY D 207 -32.18 4.05 17.29
C GLY D 207 -32.87 5.39 17.08
N LYS D 208 -32.19 6.30 16.37
CA LYS D 208 -32.68 7.66 16.06
C LYS D 208 -32.45 8.02 14.58
N ILE D 209 -32.26 7.03 13.71
CA ILE D 209 -32.02 7.23 12.24
C ILE D 209 -32.96 6.31 11.45
N TYR D 210 -33.58 6.85 10.41
CA TYR D 210 -34.41 6.08 9.42
C TYR D 210 -33.77 6.23 8.05
N SER D 211 -33.87 5.18 7.23
CA SER D 211 -33.21 5.10 5.91
C SER D 211 -34.15 4.46 4.90
N LEU D 212 -34.58 5.26 3.90
CA LEU D 212 -35.33 4.77 2.72
C LEU D 212 -35.29 5.84 1.65
N ASN D 213 -35.57 5.46 0.40
CA ASN D 213 -35.69 6.41 -0.74
C ASN D 213 -37.10 7.01 -0.66
N GLU D 214 -37.22 8.27 -0.21
CA GLU D 214 -38.53 8.95 -0.02
C GLU D 214 -38.98 9.53 -1.37
N GLY D 215 -38.19 9.36 -2.44
CA GLY D 215 -38.58 9.74 -3.80
C GLY D 215 -39.61 8.78 -4.36
N TYR D 216 -39.82 7.65 -3.70
CA TYR D 216 -40.88 6.66 -4.05
C TYR D 216 -42.16 6.91 -3.24
N ALA D 217 -42.34 8.13 -2.69
CA ALA D 217 -43.41 8.50 -1.73
C ALA D 217 -44.81 8.31 -2.34
N ARG D 218 -45.01 8.73 -3.58
CA ARG D 218 -46.35 8.68 -4.23
C ARG D 218 -46.80 7.21 -4.34
N ASP D 219 -45.86 6.24 -4.31
CA ASP D 219 -46.18 4.80 -4.49
C ASP D 219 -46.11 4.07 -3.15
N PHE D 220 -45.76 4.75 -2.07
CA PHE D 220 -45.63 4.14 -0.71
C PHE D 220 -46.99 3.65 -0.24
N ASP D 221 -47.02 2.46 0.37
CA ASP D 221 -48.26 1.90 0.99
C ASP D 221 -48.53 2.65 2.30
N PRO D 222 -49.82 2.77 2.71
CA PRO D 222 -50.20 3.54 3.90
C PRO D 222 -49.38 3.30 5.18
N ALA D 223 -48.89 2.08 5.42
CA ALA D 223 -48.12 1.72 6.65
C ALA D 223 -46.75 2.42 6.63
N VAL D 224 -46.10 2.42 5.47
CA VAL D 224 -44.79 3.10 5.26
C VAL D 224 -45.04 4.60 5.45
N THR D 225 -46.10 5.13 4.85
CA THR D 225 -46.45 6.58 4.87
C THR D 225 -46.71 7.04 6.30
N GLU D 226 -47.36 6.20 7.11
CA GLU D 226 -47.60 6.53 8.53
C GLU D 226 -46.30 6.47 9.33
N TYR D 227 -45.58 5.35 9.27
CA TYR D 227 -44.32 5.13 10.06
C TYR D 227 -43.36 6.30 9.81
N ILE D 228 -43.18 6.68 8.55
CA ILE D 228 -42.27 7.79 8.16
C ILE D 228 -42.73 9.08 8.88
N GLN D 229 -44.03 9.37 8.88
CA GLN D 229 -44.61 10.60 9.50
C GLN D 229 -44.40 10.55 11.02
N ARG D 230 -44.42 9.35 11.60
CA ARG D 230 -44.18 9.12 13.06
C ARG D 230 -42.72 9.48 13.44
N LYS D 231 -41.79 9.40 12.48
CA LYS D 231 -40.35 9.68 12.74
C LYS D 231 -40.06 11.16 12.49
N LYS D 232 -40.82 11.80 11.60
CA LYS D 232 -40.61 13.23 11.28
C LYS D 232 -41.46 14.07 12.23
N PHE D 233 -42.71 13.66 12.42
CA PHE D 233 -43.69 14.30 13.35
C PHE D 233 -43.96 13.31 14.49
N PRO D 234 -43.04 13.17 15.46
CA PRO D 234 -43.20 12.20 16.54
C PRO D 234 -44.38 12.51 17.45
N PRO D 235 -45.19 11.49 17.79
CA PRO D 235 -46.28 11.64 18.76
C PRO D 235 -45.78 11.92 20.18
N ASP D 236 -44.71 11.24 20.58
CA ASP D 236 -44.23 11.21 22.00
C ASP D 236 -43.64 12.57 22.38
N ASN D 237 -43.66 13.57 21.48
CA ASN D 237 -42.95 14.86 21.66
C ASN D 237 -41.45 14.57 21.85
N SER D 238 -40.95 13.54 21.16
CA SER D 238 -39.52 13.16 21.16
C SER D 238 -38.79 14.01 20.13
N ALA D 239 -37.48 13.84 19.99
CA ALA D 239 -36.72 14.44 18.87
C ALA D 239 -37.11 13.71 17.59
N PRO D 240 -37.37 14.42 16.45
CA PRO D 240 -37.58 13.75 15.17
C PRO D 240 -36.36 12.88 14.85
N TYR D 241 -36.57 11.70 14.27
CA TYR D 241 -35.47 10.84 13.77
C TYR D 241 -34.75 11.51 12.59
N GLY D 242 -33.43 11.26 12.49
CA GLY D 242 -32.61 11.76 11.37
C GLY D 242 -32.69 10.85 10.17
N ALA D 243 -32.53 11.41 8.97
CA ALA D 243 -32.60 10.69 7.67
C ALA D 243 -31.17 10.46 7.14
N ARG D 244 -30.84 9.22 6.77
CA ARG D 244 -29.60 8.88 6.04
C ARG D 244 -29.95 7.84 4.96
N TYR D 245 -29.66 8.12 3.70
CA TYR D 245 -29.81 7.12 2.61
C TYR D 245 -28.70 7.30 1.59
N VAL D 246 -27.69 6.45 1.71
CA VAL D 246 -26.49 6.42 0.83
C VAL D 246 -26.90 5.87 -0.55
N GLY D 247 -27.82 4.90 -0.60
CA GLY D 247 -28.23 4.25 -1.85
C GLY D 247 -27.38 3.02 -2.16
N SER D 248 -26.59 2.57 -1.20
CA SER D 248 -25.87 1.28 -1.24
C SER D 248 -26.29 0.51 0.02
N MET D 249 -26.92 -0.66 -0.15
CA MET D 249 -27.47 -1.41 1.00
C MET D 249 -26.35 -1.65 2.04
N VAL D 250 -25.20 -2.13 1.60
CA VAL D 250 -24.06 -2.51 2.52
C VAL D 250 -23.80 -1.32 3.45
N ALA D 251 -23.78 -0.12 2.90
CA ALA D 251 -23.42 1.10 3.67
C ALA D 251 -24.54 1.47 4.64
N ASP D 252 -25.79 1.42 4.19
CA ASP D 252 -26.99 1.78 4.98
C ASP D 252 -27.21 0.76 6.11
N VAL D 253 -26.99 -0.53 5.84
CA VAL D 253 -27.18 -1.64 6.82
C VAL D 253 -26.02 -1.66 7.83
N HIS D 254 -24.81 -1.30 7.40
CA HIS D 254 -23.65 -1.18 8.30
C HIS D 254 -23.94 -0.06 9.30
N ARG D 255 -24.39 1.09 8.83
CA ARG D 255 -24.77 2.23 9.70
C ARG D 255 -25.92 1.81 10.63
N THR D 256 -26.85 0.98 10.14
CA THR D 256 -27.98 0.52 10.99
C THR D 256 -27.44 -0.36 12.13
N LEU D 257 -26.37 -1.12 11.90
CA LEU D 257 -25.81 -2.05 12.91
C LEU D 257 -24.95 -1.28 13.91
N VAL D 258 -24.23 -0.25 13.45
CA VAL D 258 -23.24 0.51 14.30
C VAL D 258 -24.00 1.59 15.07
N TYR D 259 -24.92 2.31 14.44
CA TYR D 259 -25.62 3.45 15.06
C TYR D 259 -27.02 3.04 15.53
N GLY D 260 -27.60 1.98 14.96
CA GLY D 260 -28.99 1.60 15.28
C GLY D 260 -29.94 2.31 14.34
N GLY D 261 -31.26 2.10 14.52
CA GLY D 261 -32.28 2.69 13.65
C GLY D 261 -32.85 1.68 12.68
N ILE D 262 -33.32 2.13 11.51
CA ILE D 262 -34.15 1.29 10.63
C ILE D 262 -33.79 1.57 9.16
N PHE D 263 -33.58 0.51 8.38
CA PHE D 263 -33.39 0.56 6.91
C PHE D 263 -34.62 -0.08 6.27
N LEU D 264 -35.27 0.63 5.36
CA LEU D 264 -36.50 0.13 4.71
C LEU D 264 -36.31 0.16 3.20
N TYR D 265 -36.67 -0.92 2.51
CA TYR D 265 -36.89 -0.91 1.05
C TYR D 265 -38.19 -1.67 0.76
N PRO D 266 -39.34 -0.95 0.73
CA PRO D 266 -40.64 -1.55 0.45
C PRO D 266 -40.85 -1.63 -1.08
N ALA D 267 -42.10 -1.56 -1.58
CA ALA D 267 -42.40 -1.84 -3.00
C ALA D 267 -43.53 -0.95 -3.58
N ASN D 268 -44.24 -1.50 -4.58
CA ASN D 268 -45.41 -0.92 -5.31
C ASN D 268 -44.88 -0.02 -6.44
N LYS D 269 -45.17 -0.38 -7.70
CA LYS D 269 -44.72 0.34 -8.94
C LYS D 269 -43.20 0.18 -9.13
N LYS D 270 -42.74 0.20 -10.39
CA LYS D 270 -41.33 -0.11 -10.80
C LYS D 270 -40.96 -1.54 -10.37
N SER D 271 -40.41 -1.71 -9.15
CA SER D 271 -40.14 -3.02 -8.49
C SER D 271 -41.27 -3.29 -7.47
N PRO D 272 -42.28 -4.13 -7.79
CA PRO D 272 -43.45 -4.30 -6.91
C PRO D 272 -43.41 -5.40 -5.83
N ASN D 273 -42.43 -6.31 -5.85
CA ASN D 273 -42.22 -7.32 -4.76
C ASN D 273 -40.99 -6.93 -3.92
N GLY D 274 -40.75 -5.62 -3.78
CA GLY D 274 -39.50 -5.06 -3.27
C GLY D 274 -38.54 -4.90 -4.43
N LYS D 275 -37.32 -4.41 -4.17
CA LYS D 275 -36.25 -4.34 -5.18
C LYS D 275 -35.15 -5.32 -4.79
N LEU D 276 -34.72 -5.23 -3.54
CA LEU D 276 -33.51 -5.95 -3.06
C LEU D 276 -33.76 -7.44 -3.20
N ARG D 277 -32.75 -8.20 -3.61
CA ARG D 277 -32.87 -9.65 -3.88
C ARG D 277 -32.70 -10.45 -2.58
N LEU D 278 -33.60 -11.41 -2.38
CA LEU D 278 -33.72 -12.21 -1.13
C LEU D 278 -32.45 -13.05 -0.91
N LEU D 279 -31.98 -13.77 -1.91
CA LEU D 279 -30.95 -14.82 -1.71
C LEU D 279 -29.58 -14.22 -1.36
N TYR D 280 -29.20 -13.07 -1.94
CA TYR D 280 -27.81 -12.54 -1.88
C TYR D 280 -27.78 -11.08 -1.41
N GLU D 281 -28.91 -10.48 -1.06
CA GLU D 281 -28.92 -9.16 -0.36
C GLU D 281 -29.70 -9.25 0.94
N CYS D 282 -31.00 -9.56 0.87
CA CYS D 282 -31.97 -9.52 2.01
C CYS D 282 -31.61 -10.57 3.08
N ASN D 283 -31.47 -11.84 2.69
CA ASN D 283 -31.23 -12.94 3.66
C ASN D 283 -29.89 -12.74 4.35
N PRO D 284 -28.76 -12.53 3.63
CA PRO D 284 -27.49 -12.23 4.30
C PRO D 284 -27.60 -11.13 5.36
N MET D 285 -28.25 -10.03 5.05
CA MET D 285 -28.32 -8.90 6.01
C MET D 285 -29.30 -9.23 7.16
N ALA D 286 -30.31 -10.06 6.91
CA ALA D 286 -31.30 -10.49 7.92
C ALA D 286 -30.62 -11.38 8.97
N TYR D 287 -29.73 -12.27 8.55
CA TYR D 287 -28.98 -13.19 9.44
C TYR D 287 -28.01 -12.37 10.31
N VAL D 288 -27.30 -11.42 9.71
CA VAL D 288 -26.40 -10.47 10.46
C VAL D 288 -27.24 -9.77 11.54
N MET D 289 -28.40 -9.23 11.14
CA MET D 289 -29.29 -8.47 12.06
C MET D 289 -29.76 -9.40 13.17
N GLU D 290 -30.28 -10.56 12.82
CA GLU D 290 -30.89 -11.48 13.81
C GLU D 290 -29.79 -12.05 14.70
N LYS D 291 -28.54 -12.16 14.23
CA LYS D 291 -27.44 -12.71 15.06
C LYS D 291 -26.91 -11.62 16.00
N ALA D 292 -27.27 -10.36 15.73
CA ALA D 292 -26.86 -9.17 16.52
C ALA D 292 -28.05 -8.64 17.34
N GLY D 293 -29.14 -9.37 17.44
CA GLY D 293 -30.26 -9.02 18.34
C GLY D 293 -31.16 -8.01 17.68
N GLY D 294 -31.12 -7.94 16.36
CA GLY D 294 -31.96 -7.05 15.56
C GLY D 294 -33.02 -7.83 14.83
N MET D 295 -33.81 -7.17 14.02
CA MET D 295 -34.97 -7.81 13.35
C MET D 295 -34.93 -7.49 11.85
N ALA D 296 -35.57 -8.33 11.05
CA ALA D 296 -35.62 -8.21 9.58
C ALA D 296 -36.93 -8.83 9.08
N THR D 297 -37.83 -8.00 8.57
CA THR D 297 -39.18 -8.44 8.14
C THR D 297 -39.45 -8.01 6.70
N THR D 298 -40.35 -8.72 6.02
CA THR D 298 -40.95 -8.31 4.73
C THR D 298 -42.24 -7.51 5.01
N GLY D 299 -42.61 -7.38 6.29
CA GLY D 299 -43.94 -6.89 6.70
C GLY D 299 -44.83 -8.06 7.11
N LYS D 300 -45.11 -8.96 6.16
CA LYS D 300 -46.01 -10.13 6.37
C LYS D 300 -45.28 -11.20 7.18
N GLU D 301 -44.06 -11.54 6.77
CA GLU D 301 -43.24 -12.61 7.41
C GLU D 301 -41.84 -12.06 7.71
N ALA D 302 -41.03 -12.84 8.41
CA ALA D 302 -39.57 -12.60 8.58
C ALA D 302 -38.84 -13.00 7.31
N VAL D 303 -37.87 -12.20 6.88
CA VAL D 303 -37.11 -12.44 5.61
C VAL D 303 -36.61 -13.89 5.62
N LEU D 304 -36.06 -14.33 6.76
CA LEU D 304 -35.39 -15.64 6.91
C LEU D 304 -36.37 -16.80 6.76
N ASP D 305 -37.68 -16.54 6.90
CA ASP D 305 -38.73 -17.59 6.86
C ASP D 305 -39.38 -17.62 5.46
N VAL D 306 -38.93 -16.79 4.52
CA VAL D 306 -39.46 -16.80 3.11
C VAL D 306 -38.82 -17.96 2.38
N ILE D 307 -39.65 -18.86 1.83
CA ILE D 307 -39.19 -20.04 1.03
C ILE D 307 -39.08 -19.59 -0.43
N PRO D 308 -37.86 -19.54 -0.99
CA PRO D 308 -37.65 -19.00 -2.33
C PRO D 308 -38.10 -19.93 -3.46
N THR D 309 -38.64 -19.35 -4.54
CA THR D 309 -39.07 -20.05 -5.78
C THR D 309 -38.08 -19.78 -6.94
N ASP D 310 -37.40 -18.63 -6.92
CA ASP D 310 -36.36 -18.27 -7.93
C ASP D 310 -35.12 -17.71 -7.21
N ILE D 311 -33.96 -17.83 -7.83
CA ILE D 311 -32.68 -17.36 -7.25
C ILE D 311 -32.58 -15.82 -7.30
N HIS D 312 -33.18 -15.20 -8.32
CA HIS D 312 -33.16 -13.72 -8.46
C HIS D 312 -34.46 -13.11 -7.93
N GLN D 313 -35.24 -13.90 -7.19
CA GLN D 313 -36.47 -13.42 -6.49
C GLN D 313 -36.11 -12.20 -5.62
N ARG D 314 -36.95 -11.17 -5.63
CA ARG D 314 -36.78 -9.96 -4.79
C ARG D 314 -37.62 -10.12 -3.52
N ALA D 315 -37.40 -9.26 -2.53
CA ALA D 315 -38.19 -9.26 -1.30
C ALA D 315 -38.29 -7.85 -0.72
N PRO D 316 -39.41 -7.53 -0.04
CA PRO D 316 -39.48 -6.32 0.77
C PRO D 316 -38.62 -6.51 2.02
N VAL D 317 -38.05 -5.43 2.55
CA VAL D 317 -37.13 -5.57 3.71
C VAL D 317 -37.23 -4.33 4.60
N ILE D 318 -37.48 -4.58 5.89
CA ILE D 318 -37.44 -3.57 6.98
C ILE D 318 -36.59 -4.22 8.07
N LEU D 319 -35.40 -3.68 8.31
CA LEU D 319 -34.42 -4.31 9.23
C LEU D 319 -33.91 -3.25 10.21
N GLY D 320 -33.32 -3.72 11.31
CA GLY D 320 -32.52 -2.87 12.19
C GLY D 320 -32.83 -3.10 13.66
N SER D 321 -32.93 -2.01 14.40
CA SER D 321 -33.11 -2.02 15.87
C SER D 321 -34.46 -2.66 16.18
N PRO D 322 -34.50 -3.62 17.13
CA PRO D 322 -35.71 -4.42 17.39
C PRO D 322 -36.97 -3.57 17.65
N ASP D 323 -36.87 -2.56 18.50
CA ASP D 323 -38.05 -1.74 18.90
C ASP D 323 -38.57 -0.96 17.68
N ASP D 324 -37.66 -0.50 16.83
CA ASP D 324 -37.99 0.29 15.62
C ASP D 324 -38.74 -0.60 14.63
N VAL D 325 -38.30 -1.83 14.44
CA VAL D 325 -38.93 -2.74 13.45
C VAL D 325 -40.31 -3.14 13.98
N LEU D 326 -40.41 -3.27 15.30
CA LEU D 326 -41.66 -3.67 16.01
C LEU D 326 -42.68 -2.54 15.90
N GLU D 327 -42.23 -1.29 16.07
CA GLU D 327 -43.08 -0.09 15.88
C GLU D 327 -43.67 -0.08 14.46
N PHE D 328 -42.83 -0.36 13.45
CA PHE D 328 -43.26 -0.42 12.03
C PHE D 328 -44.35 -1.48 11.89
N LEU D 329 -44.07 -2.68 12.40
CA LEU D 329 -44.96 -3.87 12.30
C LEU D 329 -46.31 -3.61 12.99
N LYS D 330 -46.34 -2.79 14.04
CA LYS D 330 -47.61 -2.37 14.69
C LYS D 330 -48.45 -1.56 13.70
N VAL D 331 -47.80 -0.63 13.00
CA VAL D 331 -48.45 0.24 11.97
C VAL D 331 -48.92 -0.63 10.80
N TYR D 332 -48.08 -1.57 10.34
CA TYR D 332 -48.39 -2.51 9.21
C TYR D 332 -49.61 -3.36 9.56
N GLU D 333 -49.72 -3.82 10.81
CA GLU D 333 -50.75 -4.78 11.31
C GLU D 333 -52.10 -4.07 11.40
N LYS D 334 -52.09 -2.74 11.51
CA LYS D 334 -53.35 -1.94 11.52
C LYS D 334 -53.88 -1.82 10.09
N HIS D 335 -52.98 -1.73 9.11
CA HIS D 335 -53.37 -1.55 7.68
C HIS D 335 -53.38 -2.89 6.94
N SER D 336 -53.02 -3.99 7.58
CA SER D 336 -52.79 -5.28 6.88
C SER D 336 -54.09 -5.79 6.23
N ALA D 337 -55.12 -6.09 7.02
CA ALA D 337 -56.40 -6.69 6.55
C ALA D 337 -56.11 -8.03 5.85
#